data_1DHH
# 
_entry.id   1DHH 
# 
_audit_conform.dict_name       mmcif_pdbx.dic 
_audit_conform.dict_version    5.392 
_audit_conform.dict_location   http://mmcif.pdb.org/dictionaries/ascii/mmcif_pdbx.dic 
# 
loop_
_database_2.database_id 
_database_2.database_code 
_database_2.pdbx_database_accession 
_database_2.pdbx_DOI 
PDB   1DHH         pdb_00001dhh 10.2210/pdb1dhh/pdb 
WWPDB D_1000172781 ?            ?                   
# 
loop_
_pdbx_audit_revision_history.ordinal 
_pdbx_audit_revision_history.data_content_type 
_pdbx_audit_revision_history.major_revision 
_pdbx_audit_revision_history.minor_revision 
_pdbx_audit_revision_history.revision_date 
1 'Structure model' 1 0 1996-04-03 
2 'Structure model' 1 1 2008-03-24 
3 'Structure model' 1 2 2011-07-13 
4 'Structure model' 1 3 2022-02-16 
5 'Structure model' 1 4 2024-05-22 
# 
_pdbx_audit_revision_details.ordinal             1 
_pdbx_audit_revision_details.revision_ordinal    1 
_pdbx_audit_revision_details.data_content_type   'Structure model' 
_pdbx_audit_revision_details.provider            repository 
_pdbx_audit_revision_details.type                'Initial release' 
_pdbx_audit_revision_details.description         ? 
_pdbx_audit_revision_details.details             ? 
# 
loop_
_pdbx_audit_revision_group.ordinal 
_pdbx_audit_revision_group.revision_ordinal 
_pdbx_audit_revision_group.data_content_type 
_pdbx_audit_revision_group.group 
1 2 'Structure model' 'Version format compliance' 
2 3 'Structure model' 'Version format compliance' 
3 4 'Structure model' 'Database references'       
4 4 'Structure model' 'Derived calculations'      
5 4 'Structure model' Other                       
6 5 'Structure model' 'Data collection'           
# 
loop_
_pdbx_audit_revision_category.ordinal 
_pdbx_audit_revision_category.revision_ordinal 
_pdbx_audit_revision_category.data_content_type 
_pdbx_audit_revision_category.category 
1 4 'Structure model' database_2            
2 4 'Structure model' pdbx_database_status  
3 4 'Structure model' pdbx_struct_assembly  
4 4 'Structure model' pdbx_struct_oper_list 
5 5 'Structure model' chem_comp_atom        
6 5 'Structure model' chem_comp_bond        
# 
loop_
_pdbx_audit_revision_item.ordinal 
_pdbx_audit_revision_item.revision_ordinal 
_pdbx_audit_revision_item.data_content_type 
_pdbx_audit_revision_item.item 
1 4 'Structure model' '_database_2.pdbx_DOI'                
2 4 'Structure model' '_database_2.pdbx_database_accession' 
3 4 'Structure model' '_pdbx_database_status.process_site'  
# 
_pdbx_database_status.status_code                     REL 
_pdbx_database_status.entry_id                        1DHH 
_pdbx_database_status.recvd_initial_deposition_date   1995-10-18 
_pdbx_database_status.deposit_site                    ? 
_pdbx_database_status.process_site                    BNL 
_pdbx_database_status.status_code_sf                  ? 
_pdbx_database_status.status_code_mr                  REL 
_pdbx_database_status.SG_entry                        ? 
_pdbx_database_status.pdb_format_compatible           Y 
_pdbx_database_status.status_code_cs                  ? 
_pdbx_database_status.status_code_nmr_data            ? 
_pdbx_database_status.methods_development_category    ? 
# 
_pdbx_database_related.db_name        PDB 
_pdbx_database_related.db_id          1DRN 
_pdbx_database_related.details        'MINIMIZED AVERAGE STRUCTURE' 
_pdbx_database_related.content_type   unspecified 
# 
loop_
_audit_author.name 
_audit_author.pdbx_ordinal 
'Nishizaki, T.' 1 
'Iwai, S.'      2 
'Ohkubo, T.'    3 
'Kojima, C.'    4 
'Nakamura, H.'  5 
'Kyogoku, Y.'   6 
'Ohtsuka, E.'   7 
# 
_citation.id                        primary 
_citation.title                     
;Solution Strucutres of DNA duplexes containing a DNA x RNA hybrid region, d(GG)r(AGAU)d(GAC) x d(GTCATCTCC) and d(GGAGA)r(UGAC) x d(GTCATCTCC).
;
_citation.journal_abbrev            Biochemistry 
_citation.journal_volume            35 
_citation.page_first                4016 
_citation.page_last                 4025 
_citation.year                      1996 
_citation.journal_id_ASTM           BICHAW 
_citation.country                   US 
_citation.journal_id_ISSN           0006-2960 
_citation.journal_id_CSD            0033 
_citation.book_publisher            ? 
_citation.pdbx_database_id_PubMed   8672435 
_citation.pdbx_database_id_DOI      10.1021/bi9519821 
# 
loop_
_citation_author.citation_id 
_citation_author.name 
_citation_author.ordinal 
_citation_author.identifier_ORCID 
primary 'Nishizaki, T.' 1 ? 
primary 'Iwai, S.'      2 ? 
primary 'Ohkubo, T.'    3 ? 
primary 'Kojima, C.'    4 ? 
primary 'Nakamura, H.'  5 ? 
primary 'Kyogoku, Y.'   6 ? 
primary 'Ohtsuka, E.'   7 ? 
# 
loop_
_entity.id 
_entity.type 
_entity.src_method 
_entity.pdbx_description 
_entity.formula_weight 
_entity.pdbx_number_of_molecules 
_entity.pdbx_ec 
_entity.pdbx_mutation 
_entity.pdbx_fragment 
_entity.details 
1 polymer syn 
;DNA/RNA (5'-D(*GP*G)-R(P*AP*GP*AP*U)-D(P*GP*AP*C)-3')
;
2854.832 1 ? ? ? 'CRYSTALLIZATION CONDITIONS\: PH 7.0, 298K, 100MM NACL, 50MM NA PHOSPHATE, 3MM EDTA' 
2 polymer syn 
;DNA (5'-D(*GP*TP*CP*AP*TP*CP*TP*CP*C)-3')
;
2666.761 1 ? ? ? 'CRYSTALLIZATION CONDITIONS\: PH 7.0, 298K, 100MM NACL, 50MM NA PHOSPHATE, 3MM EDTA' 
# 
loop_
_entity_keywords.entity_id 
_entity_keywords.text 
1 'RIBONUCLEIC ACID'                       
2 'DEOXYRIBONUCLEIC ACID/RIBONUCLEIC ACID' 
# 
loop_
_entity_name_com.entity_id 
_entity_name_com.name 
1 DHD 
2 DHD 
# 
loop_
_entity_poly.entity_id 
_entity_poly.type 
_entity_poly.nstd_linkage 
_entity_poly.nstd_monomer 
_entity_poly.pdbx_seq_one_letter_code 
_entity_poly.pdbx_seq_one_letter_code_can 
_entity_poly.pdbx_strand_id 
_entity_poly.pdbx_target_identifier 
1 'polydeoxyribonucleotide/polyribonucleotide hybrid' no no '(DG)(DG)AGAU(DG)(DA)(DC)'             GGAGAUGAC A ? 
2 polydeoxyribonucleotide                             no no '(DG)(DT)(DC)(DA)(DT)(DC)(DT)(DC)(DC)' GTCATCTCC B ? 
# 
loop_
_entity_poly_seq.entity_id 
_entity_poly_seq.num 
_entity_poly_seq.mon_id 
_entity_poly_seq.hetero 
1 1 DG n 
1 2 DG n 
1 3 A  n 
1 4 G  n 
1 5 A  n 
1 6 U  n 
1 7 DG n 
1 8 DA n 
1 9 DC n 
2 1 DG n 
2 2 DT n 
2 3 DC n 
2 4 DA n 
2 5 DT n 
2 6 DC n 
2 7 DT n 
2 8 DC n 
2 9 DC n 
# 
loop_
_pdbx_entity_src_syn.entity_id 
_pdbx_entity_src_syn.pdbx_src_id 
_pdbx_entity_src_syn.pdbx_alt_source_flag 
_pdbx_entity_src_syn.pdbx_beg_seq_num 
_pdbx_entity_src_syn.pdbx_end_seq_num 
_pdbx_entity_src_syn.organism_scientific 
_pdbx_entity_src_syn.organism_common_name 
_pdbx_entity_src_syn.ncbi_taxonomy_id 
_pdbx_entity_src_syn.details 
1 1 sample ? ? ? ? ? 'A SUBSTRATE OF RNASE H' 
2 1 sample ? ? ? ? ? 'A SUBSTRATE OF RNASE H' 
# 
loop_
_chem_comp.id 
_chem_comp.type 
_chem_comp.mon_nstd_flag 
_chem_comp.name 
_chem_comp.pdbx_synonyms 
_chem_comp.formula 
_chem_comp.formula_weight 
A  'RNA linking' y "ADENOSINE-5'-MONOPHOSPHATE"         ? 'C10 H14 N5 O7 P' 347.221 
DA 'DNA linking' y "2'-DEOXYADENOSINE-5'-MONOPHOSPHATE" ? 'C10 H14 N5 O6 P' 331.222 
DC 'DNA linking' y "2'-DEOXYCYTIDINE-5'-MONOPHOSPHATE"  ? 'C9 H14 N3 O7 P'  307.197 
DG 'DNA linking' y "2'-DEOXYGUANOSINE-5'-MONOPHOSPHATE" ? 'C10 H14 N5 O7 P' 347.221 
DT 'DNA linking' y "THYMIDINE-5'-MONOPHOSPHATE"         ? 'C10 H15 N2 O8 P' 322.208 
G  'RNA linking' y "GUANOSINE-5'-MONOPHOSPHATE"         ? 'C10 H14 N5 O8 P' 363.221 
U  'RNA linking' y "URIDINE-5'-MONOPHOSPHATE"           ? 'C9 H13 N2 O9 P'  324.181 
# 
loop_
_pdbx_poly_seq_scheme.asym_id 
_pdbx_poly_seq_scheme.entity_id 
_pdbx_poly_seq_scheme.seq_id 
_pdbx_poly_seq_scheme.mon_id 
_pdbx_poly_seq_scheme.ndb_seq_num 
_pdbx_poly_seq_scheme.pdb_seq_num 
_pdbx_poly_seq_scheme.auth_seq_num 
_pdbx_poly_seq_scheme.pdb_mon_id 
_pdbx_poly_seq_scheme.auth_mon_id 
_pdbx_poly_seq_scheme.pdb_strand_id 
_pdbx_poly_seq_scheme.pdb_ins_code 
_pdbx_poly_seq_scheme.hetero 
A 1 1 DG 1 1  1  DG G A . n 
A 1 2 DG 2 2  2  DG G A . n 
A 1 3 A  3 3  3  A  A A . n 
A 1 4 G  4 4  4  G  G A . n 
A 1 5 A  5 5  5  A  A A . n 
A 1 6 U  6 6  6  U  U A . n 
A 1 7 DG 7 7  7  DG G A . n 
A 1 8 DA 8 8  8  DA A A . n 
A 1 9 DC 9 9  9  DC C A . n 
B 2 1 DG 1 10 10 DG G B . n 
B 2 2 DT 2 11 11 DT T B . n 
B 2 3 DC 3 12 12 DC C B . n 
B 2 4 DA 4 13 13 DA A B . n 
B 2 5 DT 5 14 14 DT T B . n 
B 2 6 DC 6 15 15 DC C B . n 
B 2 7 DT 7 16 16 DT T B . n 
B 2 8 DC 8 17 17 DC C B . n 
B 2 9 DC 9 18 18 DC C B . n 
# 
loop_
_software.name 
_software.classification 
_software.version 
_software.citation_id 
_software.pdbx_ordinal 
X-PLOR 'model building' . ? 1 
X-PLOR refinement       . ? 2 
X-PLOR phasing          . ? 3 
# 
_cell.entry_id           1DHH 
_cell.length_a           1.000 
_cell.length_b           1.000 
_cell.length_c           1.000 
_cell.angle_alpha        90.00 
_cell.angle_beta         90.00 
_cell.angle_gamma        90.00 
_cell.Z_PDB              1 
_cell.pdbx_unique_axis   ? 
# 
_symmetry.entry_id                         1DHH 
_symmetry.space_group_name_H-M             'P 1' 
_symmetry.pdbx_full_space_group_name_H-M   ? 
_symmetry.cell_setting                     ? 
_symmetry.Int_Tables_number                1 
# 
_exptl.entry_id          1DHH 
_exptl.method            'SOLUTION NMR' 
_exptl.crystals_number   ? 
# 
_struct.entry_id                  1DHH 
_struct.title                     
'NMR SOLUTION STRUCTURE OF THE DNA DUPLEX CONTAINING DNA/RNA HYBRID REGION, D(GG)R(AGAU)D(GAC)/D(GTCATCTCC)' 
_struct.pdbx_model_details        ? 
_struct.pdbx_CASP_flag            ? 
_struct.pdbx_model_type_details   ? 
# 
_struct_keywords.entry_id        1DHH 
_struct_keywords.pdbx_keywords   'DNA-RNA HYBRID' 
_struct_keywords.text            'DNA/RNA HYBRID IN DNA DUPLEX, DNA-RNA HYBRID' 
# 
loop_
_struct_asym.id 
_struct_asym.pdbx_blank_PDB_chainid_flag 
_struct_asym.pdbx_modified 
_struct_asym.entity_id 
_struct_asym.details 
A N N 1 ? 
B N N 2 ? 
# 
loop_
_struct_ref.id 
_struct_ref.entity_id 
_struct_ref.db_name 
_struct_ref.db_code 
_struct_ref.pdbx_db_accession 
_struct_ref.pdbx_align_begin 
_struct_ref.pdbx_seq_one_letter_code 
_struct_ref.pdbx_db_isoform 
1 1 PDB 1DHH 1DHH ? ? ? 
2 2 PDB 1DHH 1DHH ? ? ? 
# 
loop_
_struct_ref_seq.align_id 
_struct_ref_seq.ref_id 
_struct_ref_seq.pdbx_PDB_id_code 
_struct_ref_seq.pdbx_strand_id 
_struct_ref_seq.seq_align_beg 
_struct_ref_seq.pdbx_seq_align_beg_ins_code 
_struct_ref_seq.seq_align_end 
_struct_ref_seq.pdbx_seq_align_end_ins_code 
_struct_ref_seq.pdbx_db_accession 
_struct_ref_seq.db_align_beg 
_struct_ref_seq.pdbx_db_align_beg_ins_code 
_struct_ref_seq.db_align_end 
_struct_ref_seq.pdbx_db_align_end_ins_code 
_struct_ref_seq.pdbx_auth_seq_align_beg 
_struct_ref_seq.pdbx_auth_seq_align_end 
1 1 1DHH A 1 ? 9 ? 1DHH 1  ? 9  ? 1  9  
2 2 1DHH B 1 ? 9 ? 1DHH 10 ? 18 ? 10 18 
# 
_pdbx_struct_assembly.id                   1 
_pdbx_struct_assembly.details              author_defined_assembly 
_pdbx_struct_assembly.method_details       ? 
_pdbx_struct_assembly.oligomeric_details   dimeric 
_pdbx_struct_assembly.oligomeric_count     2 
# 
_pdbx_struct_assembly_gen.assembly_id       1 
_pdbx_struct_assembly_gen.oper_expression   1 
_pdbx_struct_assembly_gen.asym_id_list      A,B 
# 
_pdbx_struct_oper_list.id                   1 
_pdbx_struct_oper_list.type                 'identity operation' 
_pdbx_struct_oper_list.name                 1_555 
_pdbx_struct_oper_list.symmetry_operation   x,y,z 
_pdbx_struct_oper_list.matrix[1][1]         1.0000000000 
_pdbx_struct_oper_list.matrix[1][2]         0.0000000000 
_pdbx_struct_oper_list.matrix[1][3]         0.0000000000 
_pdbx_struct_oper_list.vector[1]            0.0000000000 
_pdbx_struct_oper_list.matrix[2][1]         0.0000000000 
_pdbx_struct_oper_list.matrix[2][2]         1.0000000000 
_pdbx_struct_oper_list.matrix[2][3]         0.0000000000 
_pdbx_struct_oper_list.vector[2]            0.0000000000 
_pdbx_struct_oper_list.matrix[3][1]         0.0000000000 
_pdbx_struct_oper_list.matrix[3][2]         0.0000000000 
_pdbx_struct_oper_list.matrix[3][3]         1.0000000000 
_pdbx_struct_oper_list.vector[3]            0.0000000000 
# 
_struct_biol.id        1 
_struct_biol.details   ? 
# 
loop_
_struct_conn.id 
_struct_conn.conn_type_id 
_struct_conn.pdbx_leaving_atom_flag 
_struct_conn.pdbx_PDB_id 
_struct_conn.ptnr1_label_asym_id 
_struct_conn.ptnr1_label_comp_id 
_struct_conn.ptnr1_label_seq_id 
_struct_conn.ptnr1_label_atom_id 
_struct_conn.pdbx_ptnr1_label_alt_id 
_struct_conn.pdbx_ptnr1_PDB_ins_code 
_struct_conn.pdbx_ptnr1_standard_comp_id 
_struct_conn.ptnr1_symmetry 
_struct_conn.ptnr2_label_asym_id 
_struct_conn.ptnr2_label_comp_id 
_struct_conn.ptnr2_label_seq_id 
_struct_conn.ptnr2_label_atom_id 
_struct_conn.pdbx_ptnr2_label_alt_id 
_struct_conn.pdbx_ptnr2_PDB_ins_code 
_struct_conn.ptnr1_auth_asym_id 
_struct_conn.ptnr1_auth_comp_id 
_struct_conn.ptnr1_auth_seq_id 
_struct_conn.ptnr2_auth_asym_id 
_struct_conn.ptnr2_auth_comp_id 
_struct_conn.ptnr2_auth_seq_id 
_struct_conn.ptnr2_symmetry 
_struct_conn.pdbx_ptnr3_label_atom_id 
_struct_conn.pdbx_ptnr3_label_seq_id 
_struct_conn.pdbx_ptnr3_label_comp_id 
_struct_conn.pdbx_ptnr3_label_asym_id 
_struct_conn.pdbx_ptnr3_label_alt_id 
_struct_conn.pdbx_ptnr3_PDB_ins_code 
_struct_conn.details 
_struct_conn.pdbx_dist_value 
_struct_conn.pdbx_value_order 
_struct_conn.pdbx_role 
hydrog1  hydrog ? ? A DG 1 N1 ? ? ? 1_555 B DC 9 N3 ? ? A DG 1 B DC 18 1_555 ? ? ? ? ? ? WATSON-CRICK ? ? ? 
hydrog2  hydrog ? ? A DG 1 N2 ? ? ? 1_555 B DC 9 O2 ? ? A DG 1 B DC 18 1_555 ? ? ? ? ? ? WATSON-CRICK ? ? ? 
hydrog3  hydrog ? ? A DG 1 O6 ? ? ? 1_555 B DC 9 N4 ? ? A DG 1 B DC 18 1_555 ? ? ? ? ? ? WATSON-CRICK ? ? ? 
hydrog4  hydrog ? ? A DG 2 N1 ? ? ? 1_555 B DC 8 N3 ? ? A DG 2 B DC 17 1_555 ? ? ? ? ? ? WATSON-CRICK ? ? ? 
hydrog5  hydrog ? ? A DG 2 N2 ? ? ? 1_555 B DC 8 O2 ? ? A DG 2 B DC 17 1_555 ? ? ? ? ? ? WATSON-CRICK ? ? ? 
hydrog6  hydrog ? ? A DG 2 O6 ? ? ? 1_555 B DC 8 N4 ? ? A DG 2 B DC 17 1_555 ? ? ? ? ? ? WATSON-CRICK ? ? ? 
hydrog7  hydrog ? ? A A  3 N1 ? ? ? 1_555 B DT 7 N3 ? ? A A  3 B DT 16 1_555 ? ? ? ? ? ? WATSON-CRICK ? ? ? 
hydrog8  hydrog ? ? A A  3 N6 ? ? ? 1_555 B DT 7 O4 ? ? A A  3 B DT 16 1_555 ? ? ? ? ? ? WATSON-CRICK ? ? ? 
hydrog9  hydrog ? ? A G  4 N1 ? ? ? 1_555 B DC 6 N3 ? ? A G  4 B DC 15 1_555 ? ? ? ? ? ? WATSON-CRICK ? ? ? 
hydrog10 hydrog ? ? A G  4 N2 ? ? ? 1_555 B DC 6 O2 ? ? A G  4 B DC 15 1_555 ? ? ? ? ? ? WATSON-CRICK ? ? ? 
hydrog11 hydrog ? ? A G  4 O6 ? ? ? 1_555 B DC 6 N4 ? ? A G  4 B DC 15 1_555 ? ? ? ? ? ? WATSON-CRICK ? ? ? 
hydrog12 hydrog ? ? A A  5 N1 ? ? ? 1_555 B DT 5 N3 ? ? A A  5 B DT 14 1_555 ? ? ? ? ? ? WATSON-CRICK ? ? ? 
hydrog13 hydrog ? ? A A  5 N6 ? ? ? 1_555 B DT 5 O4 ? ? A A  5 B DT 14 1_555 ? ? ? ? ? ? WATSON-CRICK ? ? ? 
hydrog14 hydrog ? ? A U  6 N3 ? ? ? 1_555 B DA 4 N1 ? ? A U  6 B DA 13 1_555 ? ? ? ? ? ? WATSON-CRICK ? ? ? 
hydrog15 hydrog ? ? A U  6 O4 ? ? ? 1_555 B DA 4 N6 ? ? A U  6 B DA 13 1_555 ? ? ? ? ? ? WATSON-CRICK ? ? ? 
hydrog16 hydrog ? ? A DG 7 N1 ? ? ? 1_555 B DC 3 N3 ? ? A DG 7 B DC 12 1_555 ? ? ? ? ? ? WATSON-CRICK ? ? ? 
hydrog17 hydrog ? ? A DG 7 N2 ? ? ? 1_555 B DC 3 O2 ? ? A DG 7 B DC 12 1_555 ? ? ? ? ? ? WATSON-CRICK ? ? ? 
hydrog18 hydrog ? ? A DG 7 O6 ? ? ? 1_555 B DC 3 N4 ? ? A DG 7 B DC 12 1_555 ? ? ? ? ? ? WATSON-CRICK ? ? ? 
hydrog19 hydrog ? ? A DA 8 N1 ? ? ? 1_555 B DT 2 N3 ? ? A DA 8 B DT 11 1_555 ? ? ? ? ? ? WATSON-CRICK ? ? ? 
hydrog20 hydrog ? ? A DA 8 N6 ? ? ? 1_555 B DT 2 O4 ? ? A DA 8 B DT 11 1_555 ? ? ? ? ? ? WATSON-CRICK ? ? ? 
hydrog21 hydrog ? ? A DC 9 N3 ? ? ? 1_555 B DG 1 N1 ? ? A DC 9 B DG 10 1_555 ? ? ? ? ? ? WATSON-CRICK ? ? ? 
hydrog22 hydrog ? ? A DC 9 N4 ? ? ? 1_555 B DG 1 O6 ? ? A DC 9 B DG 10 1_555 ? ? ? ? ? ? WATSON-CRICK ? ? ? 
hydrog23 hydrog ? ? A DC 9 O2 ? ? ? 1_555 B DG 1 N2 ? ? A DC 9 B DG 10 1_555 ? ? ? ? ? ? WATSON-CRICK ? ? ? 
# 
_struct_conn_type.id          hydrog 
_struct_conn_type.criteria    ? 
_struct_conn_type.reference   ? 
# 
loop_
_pdbx_validate_rmsd_angle.id 
_pdbx_validate_rmsd_angle.PDB_model_num 
_pdbx_validate_rmsd_angle.auth_atom_id_1 
_pdbx_validate_rmsd_angle.auth_asym_id_1 
_pdbx_validate_rmsd_angle.auth_comp_id_1 
_pdbx_validate_rmsd_angle.auth_seq_id_1 
_pdbx_validate_rmsd_angle.PDB_ins_code_1 
_pdbx_validate_rmsd_angle.label_alt_id_1 
_pdbx_validate_rmsd_angle.auth_atom_id_2 
_pdbx_validate_rmsd_angle.auth_asym_id_2 
_pdbx_validate_rmsd_angle.auth_comp_id_2 
_pdbx_validate_rmsd_angle.auth_seq_id_2 
_pdbx_validate_rmsd_angle.PDB_ins_code_2 
_pdbx_validate_rmsd_angle.label_alt_id_2 
_pdbx_validate_rmsd_angle.auth_atom_id_3 
_pdbx_validate_rmsd_angle.auth_asym_id_3 
_pdbx_validate_rmsd_angle.auth_comp_id_3 
_pdbx_validate_rmsd_angle.auth_seq_id_3 
_pdbx_validate_rmsd_angle.PDB_ins_code_3 
_pdbx_validate_rmsd_angle.label_alt_id_3 
_pdbx_validate_rmsd_angle.angle_value 
_pdbx_validate_rmsd_angle.angle_target_value 
_pdbx_validate_rmsd_angle.angle_deviation 
_pdbx_validate_rmsd_angle.angle_standard_deviation 
_pdbx_validate_rmsd_angle.linker_flag 
1  1 "O4'" A DG 1  ? ? "C1'" A DG 1  ? ? N9    A DG 1  ? ? 112.36 108.30 4.06  0.30 N 
2  1 N7    A DG 1  ? ? C8    A DG 1  ? ? N9    A DG 1  ? ? 117.49 113.10 4.39  0.50 N 
3  1 C8    A DG 1  ? ? N9    A DG 1  ? ? C4    A DG 1  ? ? 103.71 106.40 -2.69 0.40 N 
4  1 "O4'" A DG 2  ? ? "C1'" A DG 2  ? ? N9    A DG 2  ? ? 112.52 108.30 4.22  0.30 N 
5  1 N7    A DG 2  ? ? C8    A DG 2  ? ? N9    A DG 2  ? ? 117.72 113.10 4.62  0.50 N 
6  1 C8    A DG 2  ? ? N9    A DG 2  ? ? C4    A DG 2  ? ? 103.95 106.40 -2.45 0.40 N 
7  1 N7    A A  3  ? ? C8    A A  3  ? ? N9    A A  3  ? ? 117.64 113.80 3.84  0.50 N 
8  1 "C3'" A G  4  ? ? "C2'" A G  4  ? ? "C1'" A G  4  ? ? 106.93 101.50 5.43  0.80 N 
9  1 N7    A G  4  ? ? C8    A G  4  ? ? N9    A G  4  ? ? 117.66 113.10 4.56  0.50 N 
10 1 "C3'" A A  5  ? ? "C2'" A A  5  ? ? "C1'" A A  5  ? ? 106.48 101.50 4.98  0.80 N 
11 1 N7    A A  5  ? ? C8    A A  5  ? ? N9    A A  5  ? ? 118.05 113.80 4.25  0.50 N 
12 1 "O4'" A DG 7  ? ? "C1'" A DG 7  ? ? N9    A DG 7  ? ? 110.87 108.30 2.57  0.30 N 
13 1 N7    A DG 7  ? ? C8    A DG 7  ? ? N9    A DG 7  ? ? 117.86 113.10 4.76  0.50 N 
14 1 C8    A DG 7  ? ? N9    A DG 7  ? ? C4    A DG 7  ? ? 103.97 106.40 -2.43 0.40 N 
15 1 "O4'" A DA 8  ? ? "C1'" A DA 8  ? ? N9    A DA 8  ? ? 110.84 108.30 2.54  0.30 N 
16 1 N7    A DA 8  ? ? C8    A DA 8  ? ? N9    A DA 8  ? ? 117.61 113.80 3.81  0.50 N 
17 1 "O4'" A DC 9  ? ? "C1'" A DC 9  ? ? N1    A DC 9  ? ? 111.36 108.30 3.06  0.30 N 
18 1 "O4'" B DG 10 ? ? "C1'" B DG 10 ? ? N9    B DG 10 ? ? 111.25 108.30 2.95  0.30 N 
19 1 N7    B DG 10 ? ? C8    B DG 10 ? ? N9    B DG 10 ? ? 117.73 113.10 4.63  0.50 N 
20 1 C8    B DG 10 ? ? N9    B DG 10 ? ? C4    B DG 10 ? ? 103.82 106.40 -2.58 0.40 N 
21 1 "O4'" B DT 11 ? ? "C1'" B DT 11 ? ? N1    B DT 11 ? ? 111.63 108.30 3.33  0.30 N 
22 1 "O4'" B DC 12 ? ? "C1'" B DC 12 ? ? N1    B DC 12 ? ? 110.82 108.30 2.52  0.30 N 
23 1 "O4'" B DA 13 ? ? "C1'" B DA 13 ? ? N9    B DA 13 ? ? 110.60 108.30 2.30  0.30 N 
24 1 N7    B DA 13 ? ? C8    B DA 13 ? ? N9    B DA 13 ? ? 117.56 113.80 3.76  0.50 N 
25 1 "O4'" B DT 14 ? ? "C1'" B DT 14 ? ? N1    B DT 14 ? ? 110.66 108.30 2.36  0.30 N 
26 1 "O4'" B DC 15 ? ? "C1'" B DC 15 ? ? N1    B DC 15 ? ? 111.09 108.30 2.79  0.30 N 
27 1 "O4'" B DT 16 ? ? "C1'" B DT 16 ? ? N1    B DT 16 ? ? 110.89 108.30 2.59  0.30 N 
28 1 "O4'" B DC 17 ? ? "C1'" B DC 17 ? ? N1    B DC 17 ? ? 110.95 108.30 2.65  0.30 N 
29 1 "O4'" B DC 18 ? ? "C1'" B DC 18 ? ? N1    B DC 18 ? ? 112.59 108.30 4.29  0.30 N 
# 
loop_
_pdbx_validate_planes.id 
_pdbx_validate_planes.PDB_model_num 
_pdbx_validate_planes.auth_comp_id 
_pdbx_validate_planes.auth_asym_id 
_pdbx_validate_planes.auth_seq_id 
_pdbx_validate_planes.PDB_ins_code 
_pdbx_validate_planes.label_alt_id 
_pdbx_validate_planes.rmsd 
_pdbx_validate_planes.type 
1 1 A A 3 ? ? 0.052 'SIDE CHAIN' 
2 1 U A 6 ? ? 0.057 'SIDE CHAIN' 
# 
_pdbx_nmr_ensemble.entry_id                                      1DHH 
_pdbx_nmr_ensemble.conformers_calculated_total_number            ? 
_pdbx_nmr_ensemble.conformers_submitted_total_number             1 
_pdbx_nmr_ensemble.conformer_selection_criteria                  ? 
_pdbx_nmr_ensemble.average_constraints_per_residue               ? 
_pdbx_nmr_ensemble.average_constraint_violations_per_residue     ? 
_pdbx_nmr_ensemble.maximum_distance_constraint_violation         ? 
_pdbx_nmr_ensemble.average_distance_constraint_violation         ? 
_pdbx_nmr_ensemble.maximum_upper_distance_constraint_violation   ? 
_pdbx_nmr_ensemble.maximum_lower_distance_constraint_violation   ? 
_pdbx_nmr_ensemble.distance_constraint_violation_method          ? 
_pdbx_nmr_ensemble.maximum_torsion_angle_constraint_violation    ? 
_pdbx_nmr_ensemble.average_torsion_angle_constraint_violation    ? 
_pdbx_nmr_ensemble.torsion_angle_constraint_violation_method     ? 
# 
loop_
_pdbx_nmr_exptl_sample.solution_id 
_pdbx_nmr_exptl_sample.component 
_pdbx_nmr_exptl_sample.concentration 
_pdbx_nmr_exptl_sample.concentration_units 
_pdbx_nmr_exptl_sample.isotopic_labeling 
1 NACL           100 mM ? 
1 'NA PHOSPHATE' 50  mM ? 
1 EDTA           3   mM ? 
# 
_pdbx_nmr_exptl_sample_conditions.conditions_id       1 
_pdbx_nmr_exptl_sample_conditions.temperature         298 
_pdbx_nmr_exptl_sample_conditions.pressure            ? 
_pdbx_nmr_exptl_sample_conditions.pH                  7.0 
_pdbx_nmr_exptl_sample_conditions.ionic_strength      ? 
_pdbx_nmr_exptl_sample_conditions.pressure_units      . 
_pdbx_nmr_exptl_sample_conditions.temperature_units   K 
# 
_pdbx_nmr_refine.entry_id           1DHH 
_pdbx_nmr_refine.method             'MOLECULAR DYNAMICS, MATRIX RELAXATION' 
_pdbx_nmr_refine.details            
;RMSD BOND DISTANCES 0.0077 ANGSTROMS RMSD BOND ANGLES 1.40 DEGREES NUMBER OF ATOMS USED IN REFINEMENT. NUMBER OF PROTEIN ATOMS 0 NUMBER OF NUCLEIC ACID ATOMS 366 NUMBER OF HETEROGEN ATOMS 0 NUMBER OF SOLVENT ATOMS 0 THE STRUCTURES WAS REFINED BY A COMBINATION OF RESTRAINED MOLECULAR DYNAMICS USING THE X-PLOR (V3.1F) PROGRAM (BRUNGER 1988) AND FULL RELAXATION MATRIX REFINEMENT OF THE TWO-DIMENSIONAL NUCLEAR OVERHAUSER EFFECT SPECTRUM AT 150 MSEC.
;
_pdbx_nmr_refine.software_ordinal   1 
# 
_pdbx_nmr_software.name             X-PLOR 
_pdbx_nmr_software.version          3.1F 
_pdbx_nmr_software.classification   refinement 
_pdbx_nmr_software.authors          BRUNGER 
_pdbx_nmr_software.ordinal          1 
# 
loop_
_chem_comp_atom.comp_id 
_chem_comp_atom.atom_id 
_chem_comp_atom.type_symbol 
_chem_comp_atom.pdbx_aromatic_flag 
_chem_comp_atom.pdbx_stereo_config 
_chem_comp_atom.pdbx_ordinal 
A  OP3    O N N 1   
A  P      P N N 2   
A  OP1    O N N 3   
A  OP2    O N N 4   
A  "O5'"  O N N 5   
A  "C5'"  C N N 6   
A  "C4'"  C N R 7   
A  "O4'"  O N N 8   
A  "C3'"  C N S 9   
A  "O3'"  O N N 10  
A  "C2'"  C N R 11  
A  "O2'"  O N N 12  
A  "C1'"  C N R 13  
A  N9     N Y N 14  
A  C8     C Y N 15  
A  N7     N Y N 16  
A  C5     C Y N 17  
A  C6     C Y N 18  
A  N6     N N N 19  
A  N1     N Y N 20  
A  C2     C Y N 21  
A  N3     N Y N 22  
A  C4     C Y N 23  
A  HOP3   H N N 24  
A  HOP2   H N N 25  
A  "H5'"  H N N 26  
A  "H5''" H N N 27  
A  "H4'"  H N N 28  
A  "H3'"  H N N 29  
A  "HO3'" H N N 30  
A  "H2'"  H N N 31  
A  "HO2'" H N N 32  
A  "H1'"  H N N 33  
A  H8     H N N 34  
A  H61    H N N 35  
A  H62    H N N 36  
A  H2     H N N 37  
DA OP3    O N N 38  
DA P      P N N 39  
DA OP1    O N N 40  
DA OP2    O N N 41  
DA "O5'"  O N N 42  
DA "C5'"  C N N 43  
DA "C4'"  C N R 44  
DA "O4'"  O N N 45  
DA "C3'"  C N S 46  
DA "O3'"  O N N 47  
DA "C2'"  C N N 48  
DA "C1'"  C N R 49  
DA N9     N Y N 50  
DA C8     C Y N 51  
DA N7     N Y N 52  
DA C5     C Y N 53  
DA C6     C Y N 54  
DA N6     N N N 55  
DA N1     N Y N 56  
DA C2     C Y N 57  
DA N3     N Y N 58  
DA C4     C Y N 59  
DA HOP3   H N N 60  
DA HOP2   H N N 61  
DA "H5'"  H N N 62  
DA "H5''" H N N 63  
DA "H4'"  H N N 64  
DA "H3'"  H N N 65  
DA "HO3'" H N N 66  
DA "H2'"  H N N 67  
DA "H2''" H N N 68  
DA "H1'"  H N N 69  
DA H8     H N N 70  
DA H61    H N N 71  
DA H62    H N N 72  
DA H2     H N N 73  
DC OP3    O N N 74  
DC P      P N N 75  
DC OP1    O N N 76  
DC OP2    O N N 77  
DC "O5'"  O N N 78  
DC "C5'"  C N N 79  
DC "C4'"  C N R 80  
DC "O4'"  O N N 81  
DC "C3'"  C N S 82  
DC "O3'"  O N N 83  
DC "C2'"  C N N 84  
DC "C1'"  C N R 85  
DC N1     N N N 86  
DC C2     C N N 87  
DC O2     O N N 88  
DC N3     N N N 89  
DC C4     C N N 90  
DC N4     N N N 91  
DC C5     C N N 92  
DC C6     C N N 93  
DC HOP3   H N N 94  
DC HOP2   H N N 95  
DC "H5'"  H N N 96  
DC "H5''" H N N 97  
DC "H4'"  H N N 98  
DC "H3'"  H N N 99  
DC "HO3'" H N N 100 
DC "H2'"  H N N 101 
DC "H2''" H N N 102 
DC "H1'"  H N N 103 
DC H41    H N N 104 
DC H42    H N N 105 
DC H5     H N N 106 
DC H6     H N N 107 
DG OP3    O N N 108 
DG P      P N N 109 
DG OP1    O N N 110 
DG OP2    O N N 111 
DG "O5'"  O N N 112 
DG "C5'"  C N N 113 
DG "C4'"  C N R 114 
DG "O4'"  O N N 115 
DG "C3'"  C N S 116 
DG "O3'"  O N N 117 
DG "C2'"  C N N 118 
DG "C1'"  C N R 119 
DG N9     N Y N 120 
DG C8     C Y N 121 
DG N7     N Y N 122 
DG C5     C Y N 123 
DG C6     C N N 124 
DG O6     O N N 125 
DG N1     N N N 126 
DG C2     C N N 127 
DG N2     N N N 128 
DG N3     N N N 129 
DG C4     C Y N 130 
DG HOP3   H N N 131 
DG HOP2   H N N 132 
DG "H5'"  H N N 133 
DG "H5''" H N N 134 
DG "H4'"  H N N 135 
DG "H3'"  H N N 136 
DG "HO3'" H N N 137 
DG "H2'"  H N N 138 
DG "H2''" H N N 139 
DG "H1'"  H N N 140 
DG H8     H N N 141 
DG H1     H N N 142 
DG H21    H N N 143 
DG H22    H N N 144 
DT OP3    O N N 145 
DT P      P N N 146 
DT OP1    O N N 147 
DT OP2    O N N 148 
DT "O5'"  O N N 149 
DT "C5'"  C N N 150 
DT "C4'"  C N R 151 
DT "O4'"  O N N 152 
DT "C3'"  C N S 153 
DT "O3'"  O N N 154 
DT "C2'"  C N N 155 
DT "C1'"  C N R 156 
DT N1     N N N 157 
DT C2     C N N 158 
DT O2     O N N 159 
DT N3     N N N 160 
DT C4     C N N 161 
DT O4     O N N 162 
DT C5     C N N 163 
DT C7     C N N 164 
DT C6     C N N 165 
DT HOP3   H N N 166 
DT HOP2   H N N 167 
DT "H5'"  H N N 168 
DT "H5''" H N N 169 
DT "H4'"  H N N 170 
DT "H3'"  H N N 171 
DT "HO3'" H N N 172 
DT "H2'"  H N N 173 
DT "H2''" H N N 174 
DT "H1'"  H N N 175 
DT H3     H N N 176 
DT H71    H N N 177 
DT H72    H N N 178 
DT H73    H N N 179 
DT H6     H N N 180 
G  OP3    O N N 181 
G  P      P N N 182 
G  OP1    O N N 183 
G  OP2    O N N 184 
G  "O5'"  O N N 185 
G  "C5'"  C N N 186 
G  "C4'"  C N R 187 
G  "O4'"  O N N 188 
G  "C3'"  C N S 189 
G  "O3'"  O N N 190 
G  "C2'"  C N R 191 
G  "O2'"  O N N 192 
G  "C1'"  C N R 193 
G  N9     N Y N 194 
G  C8     C Y N 195 
G  N7     N Y N 196 
G  C5     C Y N 197 
G  C6     C N N 198 
G  O6     O N N 199 
G  N1     N N N 200 
G  C2     C N N 201 
G  N2     N N N 202 
G  N3     N N N 203 
G  C4     C Y N 204 
G  HOP3   H N N 205 
G  HOP2   H N N 206 
G  "H5'"  H N N 207 
G  "H5''" H N N 208 
G  "H4'"  H N N 209 
G  "H3'"  H N N 210 
G  "HO3'" H N N 211 
G  "H2'"  H N N 212 
G  "HO2'" H N N 213 
G  "H1'"  H N N 214 
G  H8     H N N 215 
G  H1     H N N 216 
G  H21    H N N 217 
G  H22    H N N 218 
U  OP3    O N N 219 
U  P      P N N 220 
U  OP1    O N N 221 
U  OP2    O N N 222 
U  "O5'"  O N N 223 
U  "C5'"  C N N 224 
U  "C4'"  C N R 225 
U  "O4'"  O N N 226 
U  "C3'"  C N S 227 
U  "O3'"  O N N 228 
U  "C2'"  C N R 229 
U  "O2'"  O N N 230 
U  "C1'"  C N R 231 
U  N1     N N N 232 
U  C2     C N N 233 
U  O2     O N N 234 
U  N3     N N N 235 
U  C4     C N N 236 
U  O4     O N N 237 
U  C5     C N N 238 
U  C6     C N N 239 
U  HOP3   H N N 240 
U  HOP2   H N N 241 
U  "H5'"  H N N 242 
U  "H5''" H N N 243 
U  "H4'"  H N N 244 
U  "H3'"  H N N 245 
U  "HO3'" H N N 246 
U  "H2'"  H N N 247 
U  "HO2'" H N N 248 
U  "H1'"  H N N 249 
U  H3     H N N 250 
U  H5     H N N 251 
U  H6     H N N 252 
# 
loop_
_chem_comp_bond.comp_id 
_chem_comp_bond.atom_id_1 
_chem_comp_bond.atom_id_2 
_chem_comp_bond.value_order 
_chem_comp_bond.pdbx_aromatic_flag 
_chem_comp_bond.pdbx_stereo_config 
_chem_comp_bond.pdbx_ordinal 
A  OP3   P      sing N N 1   
A  OP3   HOP3   sing N N 2   
A  P     OP1    doub N N 3   
A  P     OP2    sing N N 4   
A  P     "O5'"  sing N N 5   
A  OP2   HOP2   sing N N 6   
A  "O5'" "C5'"  sing N N 7   
A  "C5'" "C4'"  sing N N 8   
A  "C5'" "H5'"  sing N N 9   
A  "C5'" "H5''" sing N N 10  
A  "C4'" "O4'"  sing N N 11  
A  "C4'" "C3'"  sing N N 12  
A  "C4'" "H4'"  sing N N 13  
A  "O4'" "C1'"  sing N N 14  
A  "C3'" "O3'"  sing N N 15  
A  "C3'" "C2'"  sing N N 16  
A  "C3'" "H3'"  sing N N 17  
A  "O3'" "HO3'" sing N N 18  
A  "C2'" "O2'"  sing N N 19  
A  "C2'" "C1'"  sing N N 20  
A  "C2'" "H2'"  sing N N 21  
A  "O2'" "HO2'" sing N N 22  
A  "C1'" N9     sing N N 23  
A  "C1'" "H1'"  sing N N 24  
A  N9    C8     sing Y N 25  
A  N9    C4     sing Y N 26  
A  C8    N7     doub Y N 27  
A  C8    H8     sing N N 28  
A  N7    C5     sing Y N 29  
A  C5    C6     sing Y N 30  
A  C5    C4     doub Y N 31  
A  C6    N6     sing N N 32  
A  C6    N1     doub Y N 33  
A  N6    H61    sing N N 34  
A  N6    H62    sing N N 35  
A  N1    C2     sing Y N 36  
A  C2    N3     doub Y N 37  
A  C2    H2     sing N N 38  
A  N3    C4     sing Y N 39  
DA OP3   P      sing N N 40  
DA OP3   HOP3   sing N N 41  
DA P     OP1    doub N N 42  
DA P     OP2    sing N N 43  
DA P     "O5'"  sing N N 44  
DA OP2   HOP2   sing N N 45  
DA "O5'" "C5'"  sing N N 46  
DA "C5'" "C4'"  sing N N 47  
DA "C5'" "H5'"  sing N N 48  
DA "C5'" "H5''" sing N N 49  
DA "C4'" "O4'"  sing N N 50  
DA "C4'" "C3'"  sing N N 51  
DA "C4'" "H4'"  sing N N 52  
DA "O4'" "C1'"  sing N N 53  
DA "C3'" "O3'"  sing N N 54  
DA "C3'" "C2'"  sing N N 55  
DA "C3'" "H3'"  sing N N 56  
DA "O3'" "HO3'" sing N N 57  
DA "C2'" "C1'"  sing N N 58  
DA "C2'" "H2'"  sing N N 59  
DA "C2'" "H2''" sing N N 60  
DA "C1'" N9     sing N N 61  
DA "C1'" "H1'"  sing N N 62  
DA N9    C8     sing Y N 63  
DA N9    C4     sing Y N 64  
DA C8    N7     doub Y N 65  
DA C8    H8     sing N N 66  
DA N7    C5     sing Y N 67  
DA C5    C6     sing Y N 68  
DA C5    C4     doub Y N 69  
DA C6    N6     sing N N 70  
DA C6    N1     doub Y N 71  
DA N6    H61    sing N N 72  
DA N6    H62    sing N N 73  
DA N1    C2     sing Y N 74  
DA C2    N3     doub Y N 75  
DA C2    H2     sing N N 76  
DA N3    C4     sing Y N 77  
DC OP3   P      sing N N 78  
DC OP3   HOP3   sing N N 79  
DC P     OP1    doub N N 80  
DC P     OP2    sing N N 81  
DC P     "O5'"  sing N N 82  
DC OP2   HOP2   sing N N 83  
DC "O5'" "C5'"  sing N N 84  
DC "C5'" "C4'"  sing N N 85  
DC "C5'" "H5'"  sing N N 86  
DC "C5'" "H5''" sing N N 87  
DC "C4'" "O4'"  sing N N 88  
DC "C4'" "C3'"  sing N N 89  
DC "C4'" "H4'"  sing N N 90  
DC "O4'" "C1'"  sing N N 91  
DC "C3'" "O3'"  sing N N 92  
DC "C3'" "C2'"  sing N N 93  
DC "C3'" "H3'"  sing N N 94  
DC "O3'" "HO3'" sing N N 95  
DC "C2'" "C1'"  sing N N 96  
DC "C2'" "H2'"  sing N N 97  
DC "C2'" "H2''" sing N N 98  
DC "C1'" N1     sing N N 99  
DC "C1'" "H1'"  sing N N 100 
DC N1    C2     sing N N 101 
DC N1    C6     sing N N 102 
DC C2    O2     doub N N 103 
DC C2    N3     sing N N 104 
DC N3    C4     doub N N 105 
DC C4    N4     sing N N 106 
DC C4    C5     sing N N 107 
DC N4    H41    sing N N 108 
DC N4    H42    sing N N 109 
DC C5    C6     doub N N 110 
DC C5    H5     sing N N 111 
DC C6    H6     sing N N 112 
DG OP3   P      sing N N 113 
DG OP3   HOP3   sing N N 114 
DG P     OP1    doub N N 115 
DG P     OP2    sing N N 116 
DG P     "O5'"  sing N N 117 
DG OP2   HOP2   sing N N 118 
DG "O5'" "C5'"  sing N N 119 
DG "C5'" "C4'"  sing N N 120 
DG "C5'" "H5'"  sing N N 121 
DG "C5'" "H5''" sing N N 122 
DG "C4'" "O4'"  sing N N 123 
DG "C4'" "C3'"  sing N N 124 
DG "C4'" "H4'"  sing N N 125 
DG "O4'" "C1'"  sing N N 126 
DG "C3'" "O3'"  sing N N 127 
DG "C3'" "C2'"  sing N N 128 
DG "C3'" "H3'"  sing N N 129 
DG "O3'" "HO3'" sing N N 130 
DG "C2'" "C1'"  sing N N 131 
DG "C2'" "H2'"  sing N N 132 
DG "C2'" "H2''" sing N N 133 
DG "C1'" N9     sing N N 134 
DG "C1'" "H1'"  sing N N 135 
DG N9    C8     sing Y N 136 
DG N9    C4     sing Y N 137 
DG C8    N7     doub Y N 138 
DG C8    H8     sing N N 139 
DG N7    C5     sing Y N 140 
DG C5    C6     sing N N 141 
DG C5    C4     doub Y N 142 
DG C6    O6     doub N N 143 
DG C6    N1     sing N N 144 
DG N1    C2     sing N N 145 
DG N1    H1     sing N N 146 
DG C2    N2     sing N N 147 
DG C2    N3     doub N N 148 
DG N2    H21    sing N N 149 
DG N2    H22    sing N N 150 
DG N3    C4     sing N N 151 
DT OP3   P      sing N N 152 
DT OP3   HOP3   sing N N 153 
DT P     OP1    doub N N 154 
DT P     OP2    sing N N 155 
DT P     "O5'"  sing N N 156 
DT OP2   HOP2   sing N N 157 
DT "O5'" "C5'"  sing N N 158 
DT "C5'" "C4'"  sing N N 159 
DT "C5'" "H5'"  sing N N 160 
DT "C5'" "H5''" sing N N 161 
DT "C4'" "O4'"  sing N N 162 
DT "C4'" "C3'"  sing N N 163 
DT "C4'" "H4'"  sing N N 164 
DT "O4'" "C1'"  sing N N 165 
DT "C3'" "O3'"  sing N N 166 
DT "C3'" "C2'"  sing N N 167 
DT "C3'" "H3'"  sing N N 168 
DT "O3'" "HO3'" sing N N 169 
DT "C2'" "C1'"  sing N N 170 
DT "C2'" "H2'"  sing N N 171 
DT "C2'" "H2''" sing N N 172 
DT "C1'" N1     sing N N 173 
DT "C1'" "H1'"  sing N N 174 
DT N1    C2     sing N N 175 
DT N1    C6     sing N N 176 
DT C2    O2     doub N N 177 
DT C2    N3     sing N N 178 
DT N3    C4     sing N N 179 
DT N3    H3     sing N N 180 
DT C4    O4     doub N N 181 
DT C4    C5     sing N N 182 
DT C5    C7     sing N N 183 
DT C5    C6     doub N N 184 
DT C7    H71    sing N N 185 
DT C7    H72    sing N N 186 
DT C7    H73    sing N N 187 
DT C6    H6     sing N N 188 
G  OP3   P      sing N N 189 
G  OP3   HOP3   sing N N 190 
G  P     OP1    doub N N 191 
G  P     OP2    sing N N 192 
G  P     "O5'"  sing N N 193 
G  OP2   HOP2   sing N N 194 
G  "O5'" "C5'"  sing N N 195 
G  "C5'" "C4'"  sing N N 196 
G  "C5'" "H5'"  sing N N 197 
G  "C5'" "H5''" sing N N 198 
G  "C4'" "O4'"  sing N N 199 
G  "C4'" "C3'"  sing N N 200 
G  "C4'" "H4'"  sing N N 201 
G  "O4'" "C1'"  sing N N 202 
G  "C3'" "O3'"  sing N N 203 
G  "C3'" "C2'"  sing N N 204 
G  "C3'" "H3'"  sing N N 205 
G  "O3'" "HO3'" sing N N 206 
G  "C2'" "O2'"  sing N N 207 
G  "C2'" "C1'"  sing N N 208 
G  "C2'" "H2'"  sing N N 209 
G  "O2'" "HO2'" sing N N 210 
G  "C1'" N9     sing N N 211 
G  "C1'" "H1'"  sing N N 212 
G  N9    C8     sing Y N 213 
G  N9    C4     sing Y N 214 
G  C8    N7     doub Y N 215 
G  C8    H8     sing N N 216 
G  N7    C5     sing Y N 217 
G  C5    C6     sing N N 218 
G  C5    C4     doub Y N 219 
G  C6    O6     doub N N 220 
G  C6    N1     sing N N 221 
G  N1    C2     sing N N 222 
G  N1    H1     sing N N 223 
G  C2    N2     sing N N 224 
G  C2    N3     doub N N 225 
G  N2    H21    sing N N 226 
G  N2    H22    sing N N 227 
G  N3    C4     sing N N 228 
U  OP3   P      sing N N 229 
U  OP3   HOP3   sing N N 230 
U  P     OP1    doub N N 231 
U  P     OP2    sing N N 232 
U  P     "O5'"  sing N N 233 
U  OP2   HOP2   sing N N 234 
U  "O5'" "C5'"  sing N N 235 
U  "C5'" "C4'"  sing N N 236 
U  "C5'" "H5'"  sing N N 237 
U  "C5'" "H5''" sing N N 238 
U  "C4'" "O4'"  sing N N 239 
U  "C4'" "C3'"  sing N N 240 
U  "C4'" "H4'"  sing N N 241 
U  "O4'" "C1'"  sing N N 242 
U  "C3'" "O3'"  sing N N 243 
U  "C3'" "C2'"  sing N N 244 
U  "C3'" "H3'"  sing N N 245 
U  "O3'" "HO3'" sing N N 246 
U  "C2'" "O2'"  sing N N 247 
U  "C2'" "C1'"  sing N N 248 
U  "C2'" "H2'"  sing N N 249 
U  "O2'" "HO2'" sing N N 250 
U  "C1'" N1     sing N N 251 
U  "C1'" "H1'"  sing N N 252 
U  N1    C2     sing N N 253 
U  N1    C6     sing N N 254 
U  C2    O2     doub N N 255 
U  C2    N3     sing N N 256 
U  N3    C4     sing N N 257 
U  N3    H3     sing N N 258 
U  C4    O4     doub N N 259 
U  C4    C5     sing N N 260 
U  C5    C6     doub N N 261 
U  C5    H5     sing N N 262 
U  C6    H6     sing N N 263 
# 
_ndb_struct_conf_na.entry_id   1DHH 
_ndb_struct_conf_na.feature    'double helix' 
# 
loop_
_ndb_struct_na_base_pair.model_number 
_ndb_struct_na_base_pair.i_label_asym_id 
_ndb_struct_na_base_pair.i_label_comp_id 
_ndb_struct_na_base_pair.i_label_seq_id 
_ndb_struct_na_base_pair.i_symmetry 
_ndb_struct_na_base_pair.j_label_asym_id 
_ndb_struct_na_base_pair.j_label_comp_id 
_ndb_struct_na_base_pair.j_label_seq_id 
_ndb_struct_na_base_pair.j_symmetry 
_ndb_struct_na_base_pair.shear 
_ndb_struct_na_base_pair.stretch 
_ndb_struct_na_base_pair.stagger 
_ndb_struct_na_base_pair.buckle 
_ndb_struct_na_base_pair.propeller 
_ndb_struct_na_base_pair.opening 
_ndb_struct_na_base_pair.pair_number 
_ndb_struct_na_base_pair.pair_name 
_ndb_struct_na_base_pair.i_auth_asym_id 
_ndb_struct_na_base_pair.i_auth_seq_id 
_ndb_struct_na_base_pair.i_PDB_ins_code 
_ndb_struct_na_base_pair.j_auth_asym_id 
_ndb_struct_na_base_pair.j_auth_seq_id 
_ndb_struct_na_base_pair.j_PDB_ins_code 
_ndb_struct_na_base_pair.hbond_type_28 
_ndb_struct_na_base_pair.hbond_type_12 
1 A DG 1 1_555 B DC 9 1_555 -0.530 -0.306 -0.185 -2.266 0.102   1.153  1 A_DG1:DC18_B A 1 ? B 18 ? 19 1 
1 A DG 2 1_555 B DC 8 1_555 -0.694 -0.321 -0.076 -3.103 -4.593  5.848  2 A_DG2:DC17_B A 2 ? B 17 ? 19 1 
1 A A  3 1_555 B DT 7 1_555 -0.342 -0.370 0.180  2.053  -8.970  4.670  3 A_A3:DT16_B  A 3 ? B 16 ? 20 1 
1 A G  4 1_555 B DC 6 1_555 -0.225 -0.303 0.086  4.345  -10.176 1.710  4 A_G4:DC15_B  A 4 ? B 15 ? 19 1 
1 A A  5 1_555 B DT 5 1_555 -0.412 -0.242 0.115  -3.696 -4.093  -5.726 5 A_A5:DT14_B  A 5 ? B 14 ? 20 1 
1 A U  6 1_555 B DA 4 1_555 0.165  -0.201 -0.193 8.703  -7.978  10.088 6 A_U6:DA13_B  A 6 ? B 13 ? 20 1 
1 A DG 7 1_555 B DC 3 1_555 0.161  -0.310 -0.290 -7.184 -1.884  0.778  7 A_DG7:DC12_B A 7 ? B 12 ? 19 1 
1 A DA 8 1_555 B DT 2 1_555 -0.433 -0.380 0.018  0.601  -1.969  -0.505 8 A_DA8:DT11_B A 8 ? B 11 ? 20 1 
1 A DC 9 1_555 B DG 1 1_555 0.615  -0.430 -0.044 2.282  -0.853  -1.240 9 A_DC9:DG10_B A 9 ? B 10 ? 19 1 
# 
loop_
_ndb_struct_na_base_pair_step.model_number 
_ndb_struct_na_base_pair_step.i_label_asym_id_1 
_ndb_struct_na_base_pair_step.i_label_comp_id_1 
_ndb_struct_na_base_pair_step.i_label_seq_id_1 
_ndb_struct_na_base_pair_step.i_symmetry_1 
_ndb_struct_na_base_pair_step.j_label_asym_id_1 
_ndb_struct_na_base_pair_step.j_label_comp_id_1 
_ndb_struct_na_base_pair_step.j_label_seq_id_1 
_ndb_struct_na_base_pair_step.j_symmetry_1 
_ndb_struct_na_base_pair_step.i_label_asym_id_2 
_ndb_struct_na_base_pair_step.i_label_comp_id_2 
_ndb_struct_na_base_pair_step.i_label_seq_id_2 
_ndb_struct_na_base_pair_step.i_symmetry_2 
_ndb_struct_na_base_pair_step.j_label_asym_id_2 
_ndb_struct_na_base_pair_step.j_label_comp_id_2 
_ndb_struct_na_base_pair_step.j_label_seq_id_2 
_ndb_struct_na_base_pair_step.j_symmetry_2 
_ndb_struct_na_base_pair_step.shift 
_ndb_struct_na_base_pair_step.slide 
_ndb_struct_na_base_pair_step.rise 
_ndb_struct_na_base_pair_step.tilt 
_ndb_struct_na_base_pair_step.roll 
_ndb_struct_na_base_pair_step.twist 
_ndb_struct_na_base_pair_step.x_displacement 
_ndb_struct_na_base_pair_step.y_displacement 
_ndb_struct_na_base_pair_step.helical_rise 
_ndb_struct_na_base_pair_step.inclination 
_ndb_struct_na_base_pair_step.tip 
_ndb_struct_na_base_pair_step.helical_twist 
_ndb_struct_na_base_pair_step.step_number 
_ndb_struct_na_base_pair_step.step_name 
_ndb_struct_na_base_pair_step.i_auth_asym_id_1 
_ndb_struct_na_base_pair_step.i_auth_seq_id_1 
_ndb_struct_na_base_pair_step.i_PDB_ins_code_1 
_ndb_struct_na_base_pair_step.j_auth_asym_id_1 
_ndb_struct_na_base_pair_step.j_auth_seq_id_1 
_ndb_struct_na_base_pair_step.j_PDB_ins_code_1 
_ndb_struct_na_base_pair_step.i_auth_asym_id_2 
_ndb_struct_na_base_pair_step.i_auth_seq_id_2 
_ndb_struct_na_base_pair_step.i_PDB_ins_code_2 
_ndb_struct_na_base_pair_step.j_auth_asym_id_2 
_ndb_struct_na_base_pair_step.j_auth_seq_id_2 
_ndb_struct_na_base_pair_step.j_PDB_ins_code_2 
1 A DG 1 1_555 B DC 9 1_555 A DG 2 1_555 B DC 8 1_555 0.069  -1.396 3.332 -0.232 -0.339 28.939 -2.716 -0.190 3.347 -0.678 0.464  
28.942 1 AA_DG1DG2:DC17DC18_BB A 1 ? B 18 ? A 2 ? B 17 ? 
1 A DG 2 1_555 B DC 8 1_555 A A  3 1_555 B DT 7 1_555 -0.855 0.146  3.609 -0.188 1.363  37.390 0.030  1.305  3.616 2.125  0.293  
37.415 2 AA_DG2A3:DT16DC17_BB  A 2 ? B 17 ? A 3 ? B 16 ? 
1 A A  3 1_555 B DT 7 1_555 A G  4 1_555 B DC 6 1_555 -0.562 0.707  3.424 1.801  16.843 33.415 -1.340 1.139  3.357 27.227 -2.911 
37.354 3 AA_A3G4:DC15DT16_BB   A 3 ? B 16 ? A 4 ? B 15 ? 
1 A G  4 1_555 B DC 6 1_555 A A  5 1_555 B DT 5 1_555 -1.226 -0.124 3.484 -5.761 15.473 28.785 -3.081 1.085  3.193 28.370 10.562 
33.096 4 AA_G4A5:DT14DC15_BB   A 4 ? B 15 ? A 5 ? B 14 ? 
1 A A  5 1_555 B DT 5 1_555 A U  6 1_555 B DA 4 1_555 1.136  -0.056 2.936 5.184  1.527  33.497 -0.322 -1.179 3.067 2.628  -8.923 
33.918 5 AA_A5U6:DA13DT14_BB   A 5 ? B 14 ? A 6 ? B 13 ? 
1 A U  6 1_555 B DA 4 1_555 A DG 7 1_555 B DC 3 1_555 -0.446 0.949  3.827 0.601  35.887 38.689 -2.052 0.558  3.497 44.349 -0.743 
52.301 6 AA_U6DG7:DC12DA13_BB  A 6 ? B 13 ? A 7 ? B 12 ? 
1 A DG 7 1_555 B DC 3 1_555 A DA 8 1_555 B DT 2 1_555 -0.319 -1.106 3.234 2.466  1.650  27.467 -2.708 1.252  3.123 3.463  -5.174 
27.623 7 AA_DG7DA8:DT11DC12_BB A 7 ? B 12 ? A 8 ? B 11 ? 
1 A DA 8 1_555 B DT 2 1_555 A DC 9 1_555 B DG 1 1_555 0.419  -1.099 3.272 -1.830 2.838  36.087 -2.159 -0.927 3.155 4.569  2.946  
36.240 8 AA_DA8DC9:DG10DT11_BB A 8 ? B 11 ? A 9 ? B 10 ? 
# 
_atom_sites.entry_id                    1DHH 
_atom_sites.fract_transf_matrix[1][1]   1.000000 
_atom_sites.fract_transf_matrix[1][2]   0.000000 
_atom_sites.fract_transf_matrix[1][3]   0.000000 
_atom_sites.fract_transf_matrix[2][1]   0.000000 
_atom_sites.fract_transf_matrix[2][2]   1.000000 
_atom_sites.fract_transf_matrix[2][3]   0.000000 
_atom_sites.fract_transf_matrix[3][1]   0.000000 
_atom_sites.fract_transf_matrix[3][2]   0.000000 
_atom_sites.fract_transf_matrix[3][3]   1.000000 
_atom_sites.fract_transf_vector[1]      0.00000 
_atom_sites.fract_transf_vector[2]      0.00000 
_atom_sites.fract_transf_vector[3]      0.00000 
# 
loop_
_atom_type.symbol 
C 
N 
O 
P 
# 
loop_
_atom_site.group_PDB 
_atom_site.id 
_atom_site.type_symbol 
_atom_site.label_atom_id 
_atom_site.label_alt_id 
_atom_site.label_comp_id 
_atom_site.label_asym_id 
_atom_site.label_entity_id 
_atom_site.label_seq_id 
_atom_site.pdbx_PDB_ins_code 
_atom_site.Cartn_x 
_atom_site.Cartn_y 
_atom_site.Cartn_z 
_atom_site.occupancy 
_atom_site.B_iso_or_equiv 
_atom_site.pdbx_formal_charge 
_atom_site.auth_seq_id 
_atom_site.auth_comp_id 
_atom_site.auth_asym_id 
_atom_site.auth_atom_id 
_atom_site.pdbx_PDB_model_num 
ATOM 1   O "O5'" . DG A 1 1 ? 15.674  -3.429  3.589   1.00 0.96 ? 1  DG A "O5'" 1 
ATOM 2   C "C5'" . DG A 1 1 ? 15.748  -2.705  4.820   1.00 0.92 ? 1  DG A "C5'" 1 
ATOM 3   C "C4'" . DG A 1 1 ? 14.677  -1.623  4.891   1.00 0.66 ? 1  DG A "C4'" 1 
ATOM 4   O "O4'" . DG A 1 1 ? 14.774  -0.733  3.748   1.00 0.63 ? 1  DG A "O4'" 1 
ATOM 5   C "C3'" . DG A 1 1 ? 13.277  -2.241  4.881   1.00 0.69 ? 1  DG A "C3'" 1 
ATOM 6   O "O3'" . DG A 1 1 ? 12.501  -1.767  5.995   1.00 0.61 ? 1  DG A "O3'" 1 
ATOM 7   C "C2'" . DG A 1 1 ? 12.680  -1.800  3.577   1.00 0.94 ? 1  DG A "C2'" 1 
ATOM 8   C "C1'" . DG A 1 1 ? 13.458  -0.535  3.213   1.00 0.70 ? 1  DG A "C1'" 1 
ATOM 9   N N9    . DG A 1 1 ? 13.473  -0.307  1.755   1.00 0.63 ? 1  DG A N9    1 
ATOM 10  C C8    . DG A 1 1 ? 13.740  -1.157  0.728   1.00 0.62 ? 1  DG A C8    1 
ATOM 11  N N7    . DG A 1 1 ? 13.640  -0.692  -0.473  1.00 0.58 ? 1  DG A N7    1 
ATOM 12  C C5    . DG A 1 1 ? 13.259  0.635   -0.232  1.00 0.55 ? 1  DG A C5    1 
ATOM 13  C C6    . DG A 1 1 ? 12.985  1.692   -1.145  1.00 0.50 ? 1  DG A C6    1 
ATOM 14  O O6    . DG A 1 1 ? 13.015  1.671   -2.374  1.00 0.48 ? 1  DG A O6    1 
ATOM 15  N N1    . DG A 1 1 ? 12.640  2.861   -0.479  1.00 0.51 ? 1  DG A N1    1 
ATOM 16  C C2    . DG A 1 1 ? 12.565  3.000   0.891   1.00 0.58 ? 1  DG A C2    1 
ATOM 17  N N2    . DG A 1 1 ? 12.213  4.195   1.349   1.00 0.63 ? 1  DG A N2    1 
ATOM 18  N N3    . DG A 1 1 ? 12.819  2.019   1.749   1.00 0.62 ? 1  DG A N3    1 
ATOM 19  C C4    . DG A 1 1 ? 13.158  0.872   1.128   1.00 0.59 ? 1  DG A C4    1 
ATOM 20  P P     . DG A 1 2 ? 10.897  -1.954  6.050   1.00 0.59 ? 2  DG A P     1 
ATOM 21  O OP1   . DG A 1 2 ? 10.494  -2.045  7.472   1.00 1.52 ? 2  DG A OP1   1 
ATOM 22  O OP2   . DG A 1 2 ? 10.519  -3.032  5.109   1.00 1.33 ? 2  DG A OP2   1 
ATOM 23  O "O5'" . DG A 1 2 ? 10.347  -0.556  5.459   1.00 0.50 ? 2  DG A "O5'" 1 
ATOM 24  C "C5'" . DG A 1 2 ? 10.464  0.648   6.225   1.00 0.40 ? 2  DG A "C5'" 1 
ATOM 25  C "C4'" . DG A 1 2 ? 9.815   1.848   5.539   1.00 0.41 ? 2  DG A "C4'" 1 
ATOM 26  O "O4'" . DG A 1 2 ? 10.399  2.095   4.237   1.00 0.38 ? 2  DG A "O4'" 1 
ATOM 27  C "C3'" . DG A 1 2 ? 8.324   1.636   5.330   1.00 0.42 ? 2  DG A "C3'" 1 
ATOM 28  O "O3'" . DG A 1 2 ? 7.537   2.281   6.348   1.00 0.57 ? 2  DG A "O3'" 1 
ATOM 29  C "C2'" . DG A 1 2 ? 8.034   2.265   3.973   1.00 0.39 ? 2  DG A "C2'" 1 
ATOM 30  C "C1'" . DG A 1 2 ? 9.382   2.616   3.357   1.00 0.38 ? 2  DG A "C1'" 1 
ATOM 31  N N9    . DG A 1 2 ? 9.473   2.060   2.001   1.00 0.34 ? 2  DG A N9    1 
ATOM 32  C C8    . DG A 1 2 ? 9.761   0.812   1.592   1.00 0.36 ? 2  DG A C8    1 
ATOM 33  N N7    . DG A 1 2 ? 9.792   0.588   0.319   1.00 0.33 ? 2  DG A N7    1 
ATOM 34  C C5    . DG A 1 2 ? 9.478   1.851   -0.193  1.00 0.29 ? 2  DG A C5    1 
ATOM 35  C C6    . DG A 1 2 ? 9.343   2.290   -1.537  1.00 0.26 ? 2  DG A C6    1 
ATOM 36  O O6    . DG A 1 2 ? 9.501   1.648   -2.572  1.00 0.26 ? 2  DG A O6    1 
ATOM 37  N N1    . DG A 1 2 ? 9.008   3.636   -1.599  1.00 0.24 ? 2  DG A N1    1 
ATOM 38  C C2    . DG A 1 2 ? 8.828   4.459   -0.505  1.00 0.26 ? 2  DG A C2    1 
ATOM 39  N N2    . DG A 1 2 ? 8.496   5.718   -0.750  1.00 0.25 ? 2  DG A N2    1 
ATOM 40  N N3    . DG A 1 2 ? 8.958   4.057   0.751   1.00 0.29 ? 2  DG A N3    1 
ATOM 41  C C4    . DG A 1 2 ? 9.279   2.752   0.837   1.00 0.30 ? 2  DG A C4    1 
ATOM 42  P P     . A  A 1 3 ? 5.919   2.147   6.350   1.00 0.60 ? 3  A  A P     1 
ATOM 43  O OP1   . A  A 1 3 ? 5.445   2.313   7.742   1.00 0.71 ? 3  A  A OP1   1 
ATOM 44  O OP2   . A  A 1 3 ? 5.558   0.927   5.594   1.00 0.56 ? 3  A  A OP2   1 
ATOM 45  O "O5'" . A  A 1 3 ? 5.427   3.430   5.489   1.00 0.57 ? 3  A  A "O5'" 1 
ATOM 46  C "C5'" . A  A 1 3 ? 5.530   4.763   6.019   1.00 0.61 ? 3  A  A "C5'" 1 
ATOM 47  C "C4'" . A  A 1 3 ? 5.016   5.834   5.043   1.00 0.54 ? 3  A  A "C4'" 1 
ATOM 48  O "O4'" . A  A 1 3 ? 5.653   5.701   3.758   1.00 0.49 ? 3  A  A "O4'" 1 
ATOM 49  C "C3'" . A  A 1 3 ? 3.506   5.747   4.832   1.00 0.54 ? 3  A  A "C3'" 1 
ATOM 50  O "O3'" . A  A 1 3 ? 2.830   6.817   5.517   1.00 0.60 ? 3  A  A "O3'" 1 
ATOM 51  C "C2'" . A  A 1 3 ? 3.293   5.840   3.340   1.00 0.48 ? 3  A  A "C2'" 1 
ATOM 52  O "O2'" . A  A 1 3 ? 2.693   7.091   2.982   1.00 0.49 ? 3  A  A "O2'" 1 
ATOM 53  C "C1'" . A  A 1 3 ? 4.669   5.700   2.704   1.00 0.43 ? 3  A  A "C1'" 1 
ATOM 54  N N9    . A  A 1 3 ? 4.773   4.453   1.922   1.00 0.41 ? 3  A  A N9    1 
ATOM 55  C C8    . A  A 1 3 ? 4.992   3.186   2.355   1.00 0.44 ? 3  A  A C8    1 
ATOM 56  N N7    . A  A 1 3 ? 5.223   2.282   1.465   1.00 0.42 ? 3  A  A N7    1 
ATOM 57  C C5    . A  A 1 3 ? 5.137   3.023   0.283   1.00 0.35 ? 3  A  A C5    1 
ATOM 58  C C6    . A  A 1 3 ? 5.280   2.675   -1.063  1.00 0.30 ? 3  A  A C6    1 
ATOM 59  N N6    . A  A 1 3 ? 5.609   1.450   -1.464  1.00 0.31 ? 3  A  A N6    1 
ATOM 60  N N1    . A  A 1 3 ? 5.119   3.649   -1.976  1.00 0.25 ? 3  A  A N1    1 
ATOM 61  C C2    . A  A 1 3 ? 4.840   4.895   -1.590  1.00 0.27 ? 3  A  A C2    1 
ATOM 62  N N3    . A  A 1 3 ? 4.692   5.338   -0.344  1.00 0.31 ? 3  A  A N3    1 
ATOM 63  C C4    . A  A 1 3 ? 4.854   4.343   0.551   1.00 0.35 ? 3  A  A C4    1 
ATOM 64  P P     . G  A 1 4 ? 1.237   6.773   5.794   1.00 0.66 ? 4  G  A P     1 
ATOM 65  O OP1   . G  A 1 4 ? 0.887   7.933   6.644   1.00 0.80 ? 4  G  A OP1   1 
ATOM 66  O OP2   . G  A 1 4 ? 0.877   5.406   6.233   1.00 0.76 ? 4  G  A OP2   1 
ATOM 67  O "O5'" . G  A 1 4 ? 0.599   7.011   4.325   1.00 0.50 ? 4  G  A "O5'" 1 
ATOM 68  C "C5'" . G  A 1 4 ? 0.139   8.312   3.914   1.00 0.45 ? 4  G  A "C5'" 1 
ATOM 69  C "C4'" . G  A 1 4 ? -0.635  8.254   2.591   1.00 0.36 ? 4  G  A "C4'" 1 
ATOM 70  O "O4'" . G  A 1 4 ? 0.131   7.547   1.598   1.00 0.32 ? 4  G  A "O4'" 1 
ATOM 71  C "C3'" . G  A 1 4 ? -1.975  7.534   2.750   1.00 0.35 ? 4  G  A "C3'" 1 
ATOM 72  O "O3'" . G  A 1 4 ? -3.086  8.430   2.556   1.00 0.34 ? 4  G  A "O3'" 1 
ATOM 73  C "C2'" . G  A 1 4 ? -1.979  6.438   1.721   1.00 0.35 ? 4  G  A "C2'" 1 
ATOM 74  O "O2'" . G  A 1 4 ? -3.062  6.566   0.802   1.00 0.37 ? 4  G  A "O2'" 1 
ATOM 75  C "C1'" . G  A 1 4 ? -0.681  6.533   0.977   1.00 0.32 ? 4  G  A "C1'" 1 
ATOM 76  N N9    . G  A 1 4 ? -0.012  5.231   0.975   1.00 0.32 ? 4  G  A N9    1 
ATOM 77  C C8    . G  A 1 4 ? 0.344   4.466   2.018   1.00 0.35 ? 4  G  A C8    1 
ATOM 78  N N7    . G  A 1 4 ? 0.988   3.371   1.767   1.00 0.34 ? 4  G  A N7    1 
ATOM 79  C C5    . G  A 1 4 ? 1.056   3.404   0.366   1.00 0.30 ? 4  G  A C5    1 
ATOM 80  C C6    . G  A 1 4 ? 1.635   2.480   -0.552  1.00 0.28 ? 4  G  A C6    1 
ATOM 81  O O6    . G  A 1 4 ? 2.232   1.433   -0.310  1.00 0.29 ? 4  G  A O6    1 
ATOM 82  N N1    . G  A 1 4 ? 1.468   2.900   -1.866  1.00 0.25 ? 4  G  A N1    1 
ATOM 83  C C2    . G  A 1 4 ? 0.825   4.055   -2.253  1.00 0.25 ? 4  G  A C2    1 
ATOM 84  N N2    . G  A 1 4 ? 0.737   4.277   -3.559  1.00 0.24 ? 4  G  A N2    1 
ATOM 85  N N3    . G  A 1 4 ? 0.287   4.925   -1.402  1.00 0.27 ? 4  G  A N3    1 
ATOM 86  C C4    . G  A 1 4 ? 0.437   4.542   -0.119  1.00 0.29 ? 4  G  A C4    1 
ATOM 87  P P     . A  A 1 5 ? -4.605  7.967   2.886   1.00 0.35 ? 5  A  A P     1 
ATOM 88  O OP1   . A  A 1 5 ? -5.421  9.183   3.095   1.00 0.39 ? 5  A  A OP1   1 
ATOM 89  O OP2   . A  A 1 5 ? -4.554  6.924   3.935   1.00 0.38 ? 5  A  A OP2   1 
ATOM 90  O "O5'" . A  A 1 5 ? -5.083  7.268   1.502   1.00 0.32 ? 5  A  A "O5'" 1 
ATOM 91  C "C5'" . A  A 1 5 ? -5.548  8.069   0.401   1.00 0.33 ? 5  A  A "C5'" 1 
ATOM 92  C "C4'" . A  A 1 5 ? -5.729  7.273   -0.905  1.00 0.32 ? 5  A  A "C4'" 1 
ATOM 93  O "O4'" . A  A 1 5 ? -4.478  6.737   -1.403  1.00 0.35 ? 5  A  A "O4'" 1 
ATOM 94  C "C3'" . A  A 1 5 ? -6.660  6.082   -0.741  1.00 0.26 ? 5  A  A "C3'" 1 
ATOM 95  O "O3'" . A  A 1 5 ? -8.036  6.404   -1.007  1.00 0.22 ? 5  A  A "O3'" 1 
ATOM 96  C "C2'" . A  A 1 5 ? -6.146  5.085   -1.738  1.00 0.30 ? 5  A  A "C2'" 1 
ATOM 97  O "O2'" . A  A 1 5 ? -6.878  5.140   -2.958  1.00 0.32 ? 5  A  A "O2'" 1 
ATOM 98  C "C1'" . A  A 1 5 ? -4.716  5.420   -1.972  1.00 0.33 ? 5  A  A "C1'" 1 
ATOM 99  N N9    . A  A 1 5 ? -3.865  4.383   -1.357  1.00 0.33 ? 5  A  A N9    1 
ATOM 100 C C8    . A  A 1 5 ? -3.389  4.313   -0.105  1.00 0.35 ? 5  A  A C8    1 
ATOM 101 N N7    . A  A 1 5 ? -2.581  3.349   0.184   1.00 0.35 ? 5  A  A N7    1 
ATOM 102 C C5    . A  A 1 5 ? -2.517  2.670   -1.035  1.00 0.34 ? 5  A  A C5    1 
ATOM 103 C C6    . A  A 1 5 ? -1.829  1.522   -1.443  1.00 0.33 ? 5  A  A C6    1 
ATOM 104 N N6    . A  A 1 5 ? -1.003  0.847   -0.645  1.00 0.34 ? 5  A  A N6    1 
ATOM 105 N N1    . A  A 1 5 ? -2.004  1.116   -2.714  1.00 0.32 ? 5  A  A N1    1 
ATOM 106 C C2    . A  A 1 5 ? -2.807  1.801   -3.536  1.00 0.31 ? 5  A  A C2    1 
ATOM 107 N N3    . A  A 1 5 ? -3.494  2.905   -3.255  1.00 0.31 ? 5  A  A N3    1 
ATOM 108 C C4    . A  A 1 5 ? -3.303  3.289   -1.979  1.00 0.33 ? 5  A  A C4    1 
ATOM 109 P P     . U  A 1 6 ? -9.214  5.380   -0.570  1.00 0.13 ? 6  U  A P     1 
ATOM 110 O OP1   . U  A 1 6 ? -10.518 6.020   -0.864  1.00 0.18 ? 6  U  A OP1   1 
ATOM 111 O OP2   . U  A 1 6 ? -8.921  4.910   0.802   1.00 0.13 ? 6  U  A OP2   1 
ATOM 112 O "O5'" . U  A 1 6 ? -9.023  4.118   -1.575  1.00 0.10 ? 6  U  A "O5'" 1 
ATOM 113 C "C5'" . U  A 1 6 ? -9.357  4.215   -2.968  1.00 0.13 ? 6  U  A "C5'" 1 
ATOM 114 C "C4'" . U  A 1 6 ? -8.689  3.116   -3.810  1.00 0.13 ? 6  U  A "C4'" 1 
ATOM 115 O "O4'" . U  A 1 6 ? -7.298  2.961   -3.473  1.00 0.14 ? 6  U  A "O4'" 1 
ATOM 116 C "C3'" . U  A 1 6 ? -9.346  1.763   -3.606  1.00 0.09 ? 6  U  A "C3'" 1 
ATOM 117 O "O3'" . U  A 1 6 ? -10.313 1.503   -4.637  1.00 0.12 ? 6  U  A "O3'" 1 
ATOM 118 C "C2'" . U  A 1 6 ? -8.219  0.768   -3.649  1.00 0.10 ? 6  U  A "C2'" 1 
ATOM 119 O "O2'" . U  A 1 6 ? -8.130  0.134   -4.923  1.00 0.14 ? 6  U  A "O2'" 1 
ATOM 120 C "C1'" . U  A 1 6 ? -6.973  1.556   -3.377  1.00 0.12 ? 6  U  A "C1'" 1 
ATOM 121 N N1    . U  A 1 6 ? -6.405  1.238   -2.056  1.00 0.13 ? 6  U  A N1    1 
ATOM 122 C C2    . U  A 1 6 ? -5.372  0.329   -2.027  1.00 0.13 ? 6  U  A C2    1 
ATOM 123 O O2    . U  A 1 6 ? -5.067  -0.342  -3.008  1.00 0.13 ? 6  U  A O2    1 
ATOM 124 N N3    . U  A 1 6 ? -4.730  0.172   -0.828  1.00 0.16 ? 6  U  A N3    1 
ATOM 125 C C4    . U  A 1 6 ? -5.026  0.826   0.352   1.00 0.19 ? 6  U  A C4    1 
ATOM 126 O O4    . U  A 1 6 ? -4.370  0.605   1.368   1.00 0.23 ? 6  U  A O4    1 
ATOM 127 C C5    . U  A 1 6 ? -6.135  1.752   0.251   1.00 0.17 ? 6  U  A C5    1 
ATOM 128 C C6    . U  A 1 6 ? -6.792  1.921   -0.939  1.00 0.14 ? 6  U  A C6    1 
ATOM 129 P P     . DG A 1 7 ? -11.772 0.913   -4.295  1.00 0.14 ? 7  DG A P     1 
ATOM 130 O OP1   . DG A 1 7 ? -12.774 1.740   -5.001  1.00 1.26 ? 7  DG A OP1   1 
ATOM 131 O OP2   . DG A 1 7 ? -11.871 0.728   -2.829  1.00 1.32 ? 7  DG A OP2   1 
ATOM 132 O "O5'" . DG A 1 7 ? -11.745 -0.546  -4.988  1.00 0.19 ? 7  DG A "O5'" 1 
ATOM 133 C "C5'" . DG A 1 7 ? -12.675 -1.558  -4.578  1.00 0.23 ? 7  DG A "C5'" 1 
ATOM 134 C "C4'" . DG A 1 7 ? -12.030 -2.939  -4.505  1.00 0.26 ? 7  DG A "C4'" 1 
ATOM 135 O "O4'" . DG A 1 7 ? -10.639 -2.844  -4.135  1.00 0.23 ? 7  DG A "O4'" 1 
ATOM 136 C "C3'" . DG A 1 7 ? -12.740 -3.786  -3.464  1.00 0.29 ? 7  DG A "C3'" 1 
ATOM 137 O "O3'" . DG A 1 7 ? -13.120 -5.064  -3.997  1.00 0.36 ? 7  DG A "O3'" 1 
ATOM 138 C "C2'" . DG A 1 7 ? -11.749 -3.940  -2.340  1.00 0.25 ? 7  DG A "C2'" 1 
ATOM 139 C "C1'" . DG A 1 7 ? -10.408 -3.539  -2.896  1.00 0.21 ? 7  DG A "C1'" 1 
ATOM 140 N N9    . DG A 1 7 ? -9.688  -2.687  -1.946  1.00 0.17 ? 7  DG A N9    1 
ATOM 141 C C8    . DG A 1 7 ? -9.885  -1.388  -1.654  1.00 0.16 ? 7  DG A C8    1 
ATOM 142 N N7    . DG A 1 7 ? -9.116  -0.846  -0.773  1.00 0.16 ? 7  DG A N7    1 
ATOM 143 C C5    . DG A 1 7 ? -8.292  -1.920  -0.425  1.00 0.16 ? 7  DG A C5    1 
ATOM 144 C C6    . DG A 1 7 ? -7.224  -1.985  0.503   1.00 0.17 ? 7  DG A C6    1 
ATOM 145 O O6    . DG A 1 7 ? -6.783  -1.095  1.221   1.00 0.21 ? 7  DG A O6    1 
ATOM 146 N N1    . DG A 1 7 ? -6.664  -3.253  0.546   1.00 0.17 ? 7  DG A N1    1 
ATOM 147 C C2    . DG A 1 7 ? -7.078  -4.328  -0.210  1.00 0.16 ? 7  DG A C2    1 
ATOM 148 N N2    . DG A 1 7 ? -6.419  -5.463  -0.039  1.00 0.17 ? 7  DG A N2    1 
ATOM 149 N N3    . DG A 1 7 ? -8.080  -4.277  -1.083  1.00 0.16 ? 7  DG A N3    1 
ATOM 150 C C4    . DG A 1 7 ? -8.641  -3.052  -1.141  1.00 0.16 ? 7  DG A C4    1 
ATOM 151 P P     . DA A 1 8 ? -13.917 -6.129  -3.083  1.00 0.41 ? 8  DA A P     1 
ATOM 152 O OP1   . DA A 1 8 ? -14.205 -7.322  -3.909  1.00 1.22 ? 8  DA A OP1   1 
ATOM 153 O OP2   . DA A 1 8 ? -15.024 -5.420  -2.400  1.00 1.48 ? 8  DA A OP2   1 
ATOM 154 O "O5'" . DA A 1 8 ? -12.818 -6.539  -1.974  1.00 0.37 ? 8  DA A "O5'" 1 
ATOM 155 C "C5'" . DA A 1 8 ? -11.640 -7.260  -2.355  1.00 0.38 ? 8  DA A "C5'" 1 
ATOM 156 C "C4'" . DA A 1 8 ? -11.138 -8.188  -1.246  1.00 0.36 ? 8  DA A "C4'" 1 
ATOM 157 O "O4'" . DA A 1 8 ? -10.106 -7.552  -0.459  1.00 0.32 ? 8  DA A "O4'" 1 
ATOM 158 C "C3'" . DA A 1 8 ? -12.266 -8.585  -0.317  1.00 0.39 ? 8  DA A "C3'" 1 
ATOM 159 O "O3'" . DA A 1 8 ? -12.282 -10.012 -0.121  1.00 0.42 ? 8  DA A "O3'" 1 
ATOM 160 C "C2'" . DA A 1 8 ? -11.958 -7.869  0.978   1.00 0.37 ? 8  DA A "C2'" 1 
ATOM 161 C "C1'" . DA A 1 8 ? -10.476 -7.572  0.930   1.00 0.33 ? 8  DA A "C1'" 1 
ATOM 162 N N9    . DA A 1 8 ? -10.182 -6.283  1.567   1.00 0.30 ? 8  DA A N9    1 
ATOM 163 C C8    . DA A 1 8 ? -10.855 -5.119  1.471   1.00 0.30 ? 8  DA A C8    1 
ATOM 164 N N7    . DA A 1 8 ? -10.388 -4.104  2.115   1.00 0.29 ? 8  DA A N7    1 
ATOM 165 C C5    . DA A 1 8 ? -9.257  -4.658  2.723   1.00 0.28 ? 8  DA A C5    1 
ATOM 166 C C6    . DA A 1 8 ? -8.283  -4.123  3.567   1.00 0.28 ? 8  DA A C6    1 
ATOM 167 N N6    . DA A 1 8 ? -8.291  -2.850  3.958   1.00 0.31 ? 8  DA A N6    1 
ATOM 168 N N1    . DA A 1 8 ? -7.303  -4.946  3.988   1.00 0.29 ? 8  DA A N1    1 
ATOM 169 C C2    . DA A 1 8 ? -7.282  -6.227  3.598   1.00 0.28 ? 8  DA A C2    1 
ATOM 170 N N3    . DA A 1 8 ? -8.156  -6.834  2.799   1.00 0.28 ? 8  DA A N3    1 
ATOM 171 C C4    . DA A 1 8 ? -9.124  -5.987  2.395   1.00 0.28 ? 8  DA A C4    1 
ATOM 172 P P     . DC A 1 9 ? -12.995 -10.677 1.169   1.00 0.47 ? 9  DC A P     1 
ATOM 173 O OP1   . DC A 1 9 ? -13.014 -12.142 0.982   1.00 1.39 ? 9  DC A OP1   1 
ATOM 174 O OP2   . DC A 1 9 ? -14.257 -9.949  1.432   1.00 1.36 ? 9  DC A OP2   1 
ATOM 175 O "O5'" . DC A 1 9 ? -11.962 -10.330 2.367   1.00 0.44 ? 9  DC A "O5'" 1 
ATOM 176 C "C5'" . DC A 1 9 ? -10.820 -11.158 2.618   1.00 0.44 ? 9  DC A "C5'" 1 
ATOM 177 C "C4'" . DC A 1 9 ? -10.142 -10.822 3.950   1.00 0.44 ? 9  DC A "C4'" 1 
ATOM 178 O "O4'" . DC A 1 9 ? -9.643  -9.473  3.987   1.00 0.38 ? 9  DC A "O4'" 1 
ATOM 179 C "C3'" . DC A 1 9 ? -11.102 -10.966 5.109   1.00 0.50 ? 9  DC A "C3'" 1 
ATOM 180 O "O3'" . DC A 1 9 ? -11.028 -12.274 5.683   1.00 0.56 ? 9  DC A "O3'" 1 
ATOM 181 C "C2'" . DC A 1 9 ? -10.661 -9.899  6.103   1.00 0.48 ? 9  DC A "C2'" 1 
ATOM 182 C "C1'" . DC A 1 9 ? -9.662  -9.019  5.356   1.00 0.41 ? 9  DC A "C1'" 1 
ATOM 183 N N1    . DC A 1 9 ? -10.047 -7.599  5.446   1.00 0.40 ? 9  DC A N1    1 
ATOM 184 C C2    . DC A 1 9 ? -9.279  -6.766  6.242   1.00 0.40 ? 9  DC A C2    1 
ATOM 185 O O2    . DC A 1 9 ? -8.320  -7.214  6.865   1.00 0.41 ? 9  DC A O2    1 
ATOM 186 N N3    . DC A 1 9 ? -9.626  -5.452  6.317   1.00 0.40 ? 9  DC A N3    1 
ATOM 187 C C4    . DC A 1 9 ? -10.679 -4.980  5.638   1.00 0.39 ? 9  DC A C4    1 
ATOM 188 N N4    . DC A 1 9 ? -10.989 -3.690  5.737   1.00 0.39 ? 9  DC A N4    1 
ATOM 189 C C5    . DC A 1 9 ? -11.469 -5.846  4.815   1.00 0.39 ? 9  DC A C5    1 
ATOM 190 C C6    . DC A 1 9 ? -11.117 -7.134  4.756   1.00 0.40 ? 9  DC A C6    1 
ATOM 191 O "O5'" . DG B 2 1 ? -4.355  1.514   12.324  1.00 0.77 ? 10 DG B "O5'" 1 
ATOM 192 C "C5'" . DG B 2 1 ? -3.745  0.758   13.372  1.00 0.80 ? 10 DG B "C5'" 1 
ATOM 193 C "C4'" . DG B 2 1 ? -3.599  -0.711  12.989  1.00 0.76 ? 10 DG B "C4'" 1 
ATOM 194 O "O4'" . DG B 2 1 ? -4.870  -1.260  12.569  1.00 0.69 ? 10 DG B "O4'" 1 
ATOM 195 C "C3'" . DG B 2 1 ? -2.610  -0.873  11.849  1.00 0.77 ? 10 DG B "C3'" 1 
ATOM 196 O "O3'" . DG B 2 1 ? -1.496  -1.680  12.264  1.00 0.84 ? 10 DG B "O3'" 1 
ATOM 197 C "C2'" . DG B 2 1 ? -3.390  -1.568  10.741  1.00 0.68 ? 10 DG B "C2'" 1 
ATOM 198 C "C1'" . DG B 2 1 ? -4.693  -2.023  11.364  1.00 0.66 ? 10 DG B "C1'" 1 
ATOM 199 N N9    . DG B 2 1 ? -5.824  -1.832  10.439  1.00 0.61 ? 10 DG B N9    1 
ATOM 200 C C8    . DG B 2 1 ? -6.537  -0.715  10.173  1.00 0.60 ? 10 DG B C8    1 
ATOM 201 N N7    . DG B 2 1 ? -7.516  -0.813  9.339   1.00 0.56 ? 10 DG B N7    1 
ATOM 202 C C5    . DG B 2 1 ? -7.460  -2.167  8.994   1.00 0.53 ? 10 DG B C5    1 
ATOM 203 C C6    . DG B 2 1 ? -8.277  -2.915  8.108   1.00 0.48 ? 10 DG B C6    1 
ATOM 204 O O6    . DG B 2 1 ? -9.233  -2.527  7.443   1.00 0.46 ? 10 DG B O6    1 
ATOM 205 N N1    . DG B 2 1 ? -7.881  -4.241  8.049   1.00 0.47 ? 10 DG B N1    1 
ATOM 206 C C2    . DG B 2 1 ? -6.830  -4.789  8.751   1.00 0.49 ? 10 DG B C2    1 
ATOM 207 N N2    . DG B 2 1 ? -6.602  -6.082  8.553   1.00 0.48 ? 10 DG B N2    1 
ATOM 208 N N3    . DG B 2 1 ? -6.057  -4.097  9.587   1.00 0.54 ? 10 DG B N3    1 
ATOM 209 C C4    . DG B 2 1 ? -6.423  -2.797  9.663   1.00 0.55 ? 10 DG B C4    1 
ATOM 210 P P     . DT B 2 2 ? -0.371  -2.157  11.209  1.00 0.87 ? 11 DT B P     1 
ATOM 211 O OP1   . DT B 2 2 ? 0.681   -2.885  11.952  1.00 1.53 ? 11 DT B OP1   1 
ATOM 212 O OP2   . DT B 2 2 ? -0.008  -0.999  10.362  1.00 1.64 ? 11 DT B OP2   1 
ATOM 213 O "O5'" . DT B 2 2 ? -1.171  -3.216  10.291  1.00 0.74 ? 11 DT B "O5'" 1 
ATOM 214 C "C5'" . DT B 2 2 ? -0.984  -4.626  10.460  1.00 0.73 ? 11 DT B "C5'" 1 
ATOM 215 C "C4'" . DT B 2 2 ? -1.243  -5.391  9.164   1.00 0.62 ? 11 DT B "C4'" 1 
ATOM 216 O "O4'" . DT B 2 2 ? -2.618  -5.271  8.742   1.00 0.56 ? 11 DT B "O4'" 1 
ATOM 217 C "C3'" . DT B 2 2 ? -0.376  -4.866  8.049   1.00 0.58 ? 11 DT B "C3'" 1 
ATOM 218 O "O3'" . DT B 2 2 ? 0.763   -5.710  7.834   1.00 0.60 ? 11 DT B "O3'" 1 
ATOM 219 C "C2'" . DT B 2 2 ? -1.274  -4.859  6.831   1.00 0.48 ? 11 DT B "C2'" 1 
ATOM 220 C "C1'" . DT B 2 2 ? -2.664  -5.198  7.305   1.00 0.47 ? 11 DT B "C1'" 1 
ATOM 221 N N1    . DT B 2 2 ? -3.646  -4.197  6.843   1.00 0.43 ? 11 DT B N1    1 
ATOM 222 C C2    . DT B 2 2 ? -4.652  -4.626  5.996   1.00 0.35 ? 11 DT B C2    1 
ATOM 223 O O2    . DT B 2 2 ? -4.731  -5.788  5.603   1.00 0.31 ? 11 DT B O2    1 
ATOM 224 N N3    . DT B 2 2 ? -5.563  -3.668  5.605   1.00 0.34 ? 11 DT B N3    1 
ATOM 225 C C4    . DT B 2 2 ? -5.562  -2.337  5.981   1.00 0.40 ? 11 DT B C4    1 
ATOM 226 O O4    . DT B 2 2 ? -6.434  -1.574  5.576   1.00 0.40 ? 11 DT B O4    1 
ATOM 227 C C5    . DT B 2 2 ? -4.474  -1.978  6.863   1.00 0.48 ? 11 DT B C5    1 
ATOM 228 C C7    . DT B 2 2 ? -4.353  -0.542  7.364   1.00 0.56 ? 11 DT B C7    1 
ATOM 229 C C6    . DT B 2 2 ? -3.568  -2.898  7.255   1.00 0.49 ? 11 DT B C6    1 
ATOM 230 P P     . DC B 2 3 ? 1.676   -5.535  6.512   1.00 0.58 ? 12 DC B P     1 
ATOM 231 O OP1   . DC B 2 3 ? 2.840   -6.442  6.631   1.00 1.44 ? 12 DC B OP1   1 
ATOM 232 O OP2   . DC B 2 3 ? 1.886   -4.088  6.278   1.00 1.38 ? 12 DC B OP2   1 
ATOM 233 O "O5'" . DC B 2 3 ? 0.716   -6.097  5.344   1.00 0.50 ? 12 DC B "O5'" 1 
ATOM 234 C "C5'" . DC B 2 3 ? 0.168   -7.417  5.426   1.00 0.47 ? 12 DC B "C5'" 1 
ATOM 235 C "C4'" . DC B 2 3 ? -0.683  -7.754  4.205   1.00 0.37 ? 12 DC B "C4'" 1 
ATOM 236 O "O4'" . DC B 2 3 ? -1.927  -7.039  4.226   1.00 0.34 ? 12 DC B "O4'" 1 
ATOM 237 C "C3'" . DC B 2 3 ? 0.036   -7.410  2.916   1.00 0.34 ? 12 DC B "C3'" 1 
ATOM 238 O "O3'" . DC B 2 3 ? 0.415   -8.608  2.212   1.00 0.32 ? 12 DC B "O3'" 1 
ATOM 239 C "C2'" . DC B 2 3 ? -0.943  -6.584  2.140   1.00 0.28 ? 12 DC B "C2'" 1 
ATOM 240 C "C1'" . DC B 2 3 ? -2.243  -6.639  2.891   1.00 0.26 ? 12 DC B "C1'" 1 
ATOM 241 N N1    . DC B 2 3 ? -2.882  -5.322  2.881   1.00 0.26 ? 12 DC B N1    1 
ATOM 242 C C2    . DC B 2 3 ? -4.040  -5.156  2.154   1.00 0.21 ? 12 DC B C2    1 
ATOM 243 O O2    . DC B 2 3 ? -4.507  -6.095  1.518   1.00 0.19 ? 12 DC B O2    1 
ATOM 244 N N3    . DC B 2 3 ? -4.626  -3.929  2.160   1.00 0.22 ? 12 DC B N3    1 
ATOM 245 C C4    . DC B 2 3 ? -4.091  -2.918  2.856   1.00 0.27 ? 12 DC B C4    1 
ATOM 246 N N4    . DC B 2 3 ? -4.683  -1.727  2.825   1.00 0.28 ? 12 DC B N4    1 
ATOM 247 C C5    . DC B 2 3 ? -2.888  -3.106  3.609   1.00 0.33 ? 12 DC B C5    1 
ATOM 248 C C6    . DC B 2 3 ? -2.329  -4.314  3.581   1.00 0.32 ? 12 DC B C6    1 
ATOM 249 P P     . DA B 2 4 ? 0.829   -8.588  0.652   1.00 0.43 ? 13 DA B P     1 
ATOM 250 O OP1   . DA B 2 4 ? 1.402   -9.908  0.308   1.00 0.45 ? 13 DA B OP1   1 
ATOM 251 O OP2   . DA B 2 4 ? 1.606   -7.356  0.388   1.00 0.76 ? 13 DA B OP2   1 
ATOM 252 O "O5'" . DA B 2 4 ? -0.600  -8.451  -0.078  1.00 0.42 ? 13 DA B "O5'" 1 
ATOM 253 C "C5'" . DA B 2 4 ? -0.919  -9.224  -1.243  1.00 0.32 ? 13 DA B "C5'" 1 
ATOM 254 C "C4'" . DA B 2 4 ? -0.797  -8.393  -2.514  1.00 0.28 ? 13 DA B "C4'" 1 
ATOM 255 O "O4'" . DA B 2 4 ? -1.472  -7.127  -2.361  1.00 0.29 ? 13 DA B "O4'" 1 
ATOM 256 C "C3'" . DA B 2 4 ? 0.653   -8.127  -2.836  1.00 0.25 ? 13 DA B "C3'" 1 
ATOM 257 O "O3'" . DA B 2 4 ? 0.920   -8.443  -4.214  1.00 0.29 ? 13 DA B "O3'" 1 
ATOM 258 C "C2'" . DA B 2 4 ? 0.849   -6.659  -2.554  1.00 0.23 ? 13 DA B "C2'" 1 
ATOM 259 C "C1'" . DA B 2 4 ? -0.539  -6.049  -2.551  1.00 0.25 ? 13 DA B "C1'" 1 
ATOM 260 N N9    . DA B 2 4 ? -0.676  -5.048  -1.476  1.00 0.25 ? 13 DA B N9    1 
ATOM 261 C C8    . DA B 2 4 ? -0.085  -5.009  -0.257  1.00 0.27 ? 13 DA B C8    1 
ATOM 262 N N7    . DA B 2 4 ? -0.445  -4.068  0.551   1.00 0.29 ? 13 DA B N7    1 
ATOM 263 C C5    . DA B 2 4 ? -1.393  -3.386  -0.220  1.00 0.27 ? 13 DA B C5    1 
ATOM 264 C C6    . DA B 2 4 ? -2.189  -2.262  0.031   1.00 0.28 ? 13 DA B C6    1 
ATOM 265 N N6    . DA B 2 4 ? -2.172  -1.594  1.182   1.00 0.31 ? 13 DA B N6    1 
ATOM 266 N N1    . DA B 2 4 ? -3.013  -1.857  -0.949  1.00 0.27 ? 13 DA B N1    1 
ATOM 267 C C2    . DA B 2 4 ? -3.056  -2.513  -2.110  1.00 0.27 ? 13 DA B C2    1 
ATOM 268 N N3    . DA B 2 4 ? -2.350  -3.586  -2.453  1.00 0.26 ? 13 DA B N3    1 
ATOM 269 C C4    . DA B 2 4 ? -1.533  -3.974  -1.455  1.00 0.25 ? 13 DA B C4    1 
ATOM 270 P P     . DT B 2 5 ? 2.239   -7.901  -4.970  1.00 0.32 ? 14 DT B P     1 
ATOM 271 O OP1   . DT B 2 5 ? 2.588   -8.867  -6.035  1.00 0.32 ? 14 DT B OP1   1 
ATOM 272 O OP2   . DT B 2 5 ? 3.247   -7.533  -3.951  1.00 0.38 ? 14 DT B OP2   1 
ATOM 273 O "O5'" . DT B 2 5 ? 1.707   -6.548  -5.667  1.00 0.33 ? 14 DT B "O5'" 1 
ATOM 274 C "C5'" . DT B 2 5 ? 0.825   -6.609  -6.796  1.00 0.31 ? 14 DT B "C5'" 1 
ATOM 275 C "C4'" . DT B 2 5 ? 0.437   -5.217  -7.291  1.00 0.33 ? 14 DT B "C4'" 1 
ATOM 276 O "O4'" . DT B 2 5 ? -0.287  -4.488  -6.281  1.00 0.36 ? 14 DT B "O4'" 1 
ATOM 277 C "C3'" . DT B 2 5 ? 1.659   -4.418  -7.665  1.00 0.34 ? 14 DT B "C3'" 1 
ATOM 278 O "O3'" . DT B 2 5 ? 1.830   -4.392  -9.090  1.00 0.35 ? 14 DT B "O3'" 1 
ATOM 279 C "C2'" . DT B 2 5 ? 1.387   -3.024  -7.126  1.00 0.33 ? 14 DT B "C2'" 1 
ATOM 280 C "C1'" . DT B 2 5 ? 0.116   -3.108  -6.306  1.00 0.34 ? 14 DT B "C1'" 1 
ATOM 281 N N1    . DT B 2 5 ? 0.322   -2.602  -4.938  1.00 0.32 ? 14 DT B N1    1 
ATOM 282 C C2    . DT B 2 5 ? -0.440  -1.525  -4.523  1.00 0.32 ? 14 DT B C2    1 
ATOM 283 O O2    . DT B 2 5 ? -1.249  -0.969  -5.259  1.00 0.32 ? 14 DT B O2    1 
ATOM 284 N N3    . DT B 2 5 ? -0.237  -1.107  -3.224  1.00 0.31 ? 14 DT B N3    1 
ATOM 285 C C4    . DT B 2 5 ? 0.645   -1.665  -2.319  1.00 0.31 ? 14 DT B C4    1 
ATOM 286 O O4    . DT B 2 5 ? 0.741   -1.214  -1.181  1.00 0.30 ? 14 DT B O4    1 
ATOM 287 C C5    . DT B 2 5 ? 1.398   -2.783  -2.844  1.00 0.31 ? 14 DT B C5    1 
ATOM 288 C C7    . DT B 2 5 ? 2.402   -3.506  -1.951  1.00 0.32 ? 14 DT B C7    1 
ATOM 289 C C6    . DT B 2 5 ? 1.218   -3.203  -4.109  1.00 0.32 ? 14 DT B C6    1 
ATOM 290 P P     . DC B 2 6 ? 3.175   -3.795  -9.747  1.00 0.31 ? 15 DC B P     1 
ATOM 291 O OP1   . DC B 2 6 ? 3.173   -4.124  -11.190 1.00 0.34 ? 15 DC B OP1   1 
ATOM 292 O OP2   . DC B 2 6 ? 4.322   -4.193  -8.900  1.00 0.32 ? 15 DC B OP2   1 
ATOM 293 O "O5'" . DC B 2 6 ? 2.963   -2.207  -9.591  1.00 0.28 ? 15 DC B "O5'" 1 
ATOM 294 C "C5'" . DC B 2 6 ? 1.755   -1.581  -10.044 1.00 0.30 ? 15 DC B "C5'" 1 
ATOM 295 C "C4'" . DC B 2 6 ? 1.582   -0.203  -9.414  1.00 0.28 ? 15 DC B "C4'" 1 
ATOM 296 O "O4'" . DC B 2 6 ? 1.407   -0.296  -7.996  1.00 0.26 ? 15 DC B "O4'" 1 
ATOM 297 C "C3'" . DC B 2 6 ? 2.783   0.656   -9.670  1.00 0.25 ? 15 DC B "C3'" 1 
ATOM 298 O "O3'" . DC B 2 6 ? 2.529   1.569   -10.742 1.00 0.31 ? 15 DC B "O3'" 1 
ATOM 299 C "C2'" . DC B 2 6 ? 3.010   1.387   -8.353  1.00 0.23 ? 15 DC B "C2'" 1 
ATOM 300 C "C1'" . DC B 2 6 ? 1.919   0.903   -7.418  1.00 0.24 ? 15 DC B "C1'" 1 
ATOM 301 N N1    . DC B 2 6 ? 2.445   0.656   -6.062  1.00 0.20 ? 15 DC B N1    1 
ATOM 302 C C2    . DC B 2 6 ? 2.012   1.482   -5.042  1.00 0.21 ? 15 DC B C2    1 
ATOM 303 O O2    . DC B 2 6 ? 1.325   2.466   -5.296  1.00 0.23 ? 15 DC B O2    1 
ATOM 304 N N3    . DC B 2 6 ? 2.395   1.192   -3.771  1.00 0.20 ? 15 DC B N3    1 
ATOM 305 C C4    . DC B 2 6 ? 3.175   0.137   -3.515  1.00 0.20 ? 15 DC B C4    1 
ATOM 306 N N4    . DC B 2 6 ? 3.499   -0.142  -2.256  1.00 0.22 ? 15 DC B N4    1 
ATOM 307 C C5    . DC B 2 6 ? 3.638   -0.706  -4.571  1.00 0.20 ? 15 DC B C5    1 
ATOM 308 C C6    . DC B 2 6 ? 3.255   -0.410  -5.816  1.00 0.19 ? 15 DC B C6    1 
ATOM 309 P P     . DT B 2 7 ? 3.731   2.103   -11.671 1.00 0.33 ? 16 DT B P     1 
ATOM 310 O OP1   . DT B 2 7 ? 3.170   2.486   -12.986 1.00 0.43 ? 16 DT B OP1   1 
ATOM 311 O OP2   . DT B 2 7 ? 4.850   1.135   -11.598 1.00 0.31 ? 16 DT B OP2   1 
ATOM 312 O "O5'" . DT B 2 7 ? 4.173   3.442   -10.904 1.00 0.30 ? 16 DT B "O5'" 1 
ATOM 313 C "C5'" . DT B 2 7 ? 3.236   4.506   -10.713 1.00 0.32 ? 16 DT B "C5'" 1 
ATOM 314 C "C4'" . DT B 2 7 ? 3.614   5.373   -9.518  1.00 0.29 ? 16 DT B "C4'" 1 
ATOM 315 O "O4'" . DT B 2 7 ? 3.523   4.637   -8.286  1.00 0.24 ? 16 DT B "O4'" 1 
ATOM 316 C "C3'" . DT B 2 7 ? 5.030   5.876   -9.646  1.00 0.30 ? 16 DT B "C3'" 1 
ATOM 317 O "O3'" . DT B 2 7 ? 5.049   7.237   -10.094 1.00 0.34 ? 16 DT B "O3'" 1 
ATOM 318 C "C2'" . DT B 2 7 ? 5.624   5.737   -8.272  1.00 0.24 ? 16 DT B "C2'" 1 
ATOM 319 C "C1'" . DT B 2 7 ? 4.556   5.096   -7.400  1.00 0.20 ? 16 DT B "C1'" 1 
ATOM 320 N N1    . DT B 2 7 ? 5.097   3.978   -6.596  1.00 0.16 ? 16 DT B N1    1 
ATOM 321 C C2    . DT B 2 7 ? 5.046   4.107   -5.221  1.00 0.15 ? 16 DT B C2    1 
ATOM 322 O O2    . DT B 2 7 ? 4.691   5.147   -4.673  1.00 0.18 ? 16 DT B O2    1 
ATOM 323 N N3    . DT B 2 7 ? 5.446   3.009   -4.493  1.00 0.15 ? 16 DT B N3    1 
ATOM 324 C C4    . DT B 2 7 ? 5.893   1.808   -5.003  1.00 0.17 ? 16 DT B C4    1 
ATOM 325 O O4    . DT B 2 7 ? 6.192   0.883   -4.253  1.00 0.20 ? 16 DT B O4    1 
ATOM 326 C C5    . DT B 2 7 ? 5.931   1.763   -6.449  1.00 0.18 ? 16 DT B C5    1 
ATOM 327 C C7    . DT B 2 7 ? 6.422   0.492   -7.144  1.00 0.23 ? 16 DT B C7    1 
ATOM 328 C C6    . DT B 2 7 ? 5.543   2.825   -7.188  1.00 0.18 ? 16 DT B C6    1 
ATOM 329 P P     . DC B 2 8 ? 6.437   7.972   -10.452 1.00 0.41 ? 17 DC B P     1 
ATOM 330 O OP1   . DC B 2 8 ? 6.122   9.210   -11.202 1.00 1.25 ? 17 DC B OP1   1 
ATOM 331 O OP2   . DC B 2 8 ? 7.361   6.974   -11.033 1.00 1.46 ? 17 DC B OP2   1 
ATOM 332 O "O5'" . DC B 2 8 ? 6.996   8.390   -9.002  1.00 0.38 ? 17 DC B "O5'" 1 
ATOM 333 C "C5'" . DC B 2 8 ? 6.302   9.359   -8.210  1.00 0.37 ? 17 DC B "C5'" 1 
ATOM 334 C "C4'" . DC B 2 8 ? 6.730   9.293   -6.750  1.00 0.33 ? 17 DC B "C4'" 1 
ATOM 335 O "O4'" . DC B 2 8 ? 6.695   7.946   -6.266  1.00 0.28 ? 17 DC B "O4'" 1 
ATOM 336 C "C3'" . DC B 2 8 ? 8.140   9.806   -6.572  1.00 0.38 ? 17 DC B "C3'" 1 
ATOM 337 O "O3'" . DC B 2 8 ? 8.117   11.133  -6.033  1.00 0.43 ? 17 DC B "O3'" 1 
ATOM 338 C "C2'" . DC B 2 8 ? 8.788   8.831   -5.624  1.00 0.36 ? 17 DC B "C2'" 1 
ATOM 339 C "C1'" . DC B 2 8 ? 7.752   7.783   -5.318  1.00 0.28 ? 17 DC B "C1'" 1 
ATOM 340 N N1    . DC B 2 8 ? 8.310   6.422   -5.380  1.00 0.27 ? 17 DC B N1    1 
ATOM 341 C C2    . DC B 2 8 ? 8.428   5.725   -4.196  1.00 0.25 ? 17 DC B C2    1 
ATOM 342 O O2    . DC B 2 8 ? 8.219   6.291   -3.133  1.00 0.25 ? 17 DC B O2    1 
ATOM 343 N N3    . DC B 2 8 ? 8.797   4.419   -4.247  1.00 0.25 ? 17 DC B N3    1 
ATOM 344 C C4    . DC B 2 8 ? 9.041   3.822   -5.417  1.00 0.28 ? 17 DC B C4    1 
ATOM 345 N N4    . DC B 2 8 ? 9.374   2.533   -5.427  1.00 0.31 ? 17 DC B N4    1 
ATOM 346 C C5    . DC B 2 8 ? 8.931   4.548   -6.648  1.00 0.30 ? 17 DC B C5    1 
ATOM 347 C C6    . DC B 2 8 ? 8.574   5.845   -6.573  1.00 0.29 ? 17 DC B C6    1 
ATOM 348 P P     . DC B 2 9 ? 9.460   11.852  -5.512  1.00 0.52 ? 18 DC B P     1 
ATOM 349 O OP1   . DC B 2 9 ? 9.097   13.205  -5.034  1.00 1.29 ? 18 DC B OP1   1 
ATOM 350 O OP2   . DC B 2 9 ? 10.507  11.689  -6.545  1.00 1.50 ? 18 DC B OP2   1 
ATOM 351 O "O5'" . DC B 2 9 ? 9.861   10.950  -4.236  1.00 0.49 ? 18 DC B "O5'" 1 
ATOM 352 C "C5'" . DC B 2 9 ? 9.122   11.039  -3.011  1.00 0.55 ? 18 DC B "C5'" 1 
ATOM 353 C "C4'" . DC B 2 9 ? 9.858   10.341  -1.871  1.00 0.63 ? 18 DC B "C4'" 1 
ATOM 354 O "O4'" . DC B 2 9 ? 9.837   8.897   -2.015  1.00 0.56 ? 18 DC B "O4'" 1 
ATOM 355 C "C3'" . DC B 2 9 ? 11.313  10.781  -1.839  1.00 0.71 ? 18 DC B "C3'" 1 
ATOM 356 O "O3'" . DC B 2 9 ? 11.622  11.400  -0.588  1.00 0.83 ? 18 DC B "O3'" 1 
ATOM 357 C "C2'" . DC B 2 9 ? 12.113  9.497   -2.013  1.00 0.69 ? 18 DC B "C2'" 1 
ATOM 358 C "C1'" . DC B 2 9 ? 11.145  8.388   -1.693  1.00 0.61 ? 18 DC B "C1'" 1 
ATOM 359 N N1    . DC B 2 9 ? 11.472  7.147   -2.435  1.00 0.52 ? 18 DC B N1    1 
ATOM 360 C C2    . DC B 2 9 ? 11.719  6.001   -1.689  1.00 0.53 ? 18 DC B C2    1 
ATOM 361 O O2    . DC B 2 9 ? 11.664  6.039   -0.463  1.00 0.60 ? 18 DC B O2    1 
ATOM 362 N N3    . DC B 2 9 ? 12.025  4.853   -2.351  1.00 0.49 ? 18 DC B N3    1 
ATOM 363 C C4    . DC B 2 9 ? 12.088  4.822   -3.686  1.00 0.47 ? 18 DC B C4    1 
ATOM 364 N N4    . DC B 2 9 ? 12.397  3.678   -4.295  1.00 0.49 ? 18 DC B N4    1 
ATOM 365 C C5    . DC B 2 9 ? 11.831  5.999   -4.460  1.00 0.46 ? 18 DC B C5    1 
ATOM 366 C C6    . DC B 2 9 ? 11.534  7.132   -3.796  1.00 0.48 ? 18 DC B C6    1 
# 
